data_5PGW
#
_entry.id   5PGW
#
_cell.length_a   74.300
_cell.length_b   92.800
_cell.length_c   162.000
_cell.angle_alpha   90.000
_cell.angle_beta   90.000
_cell.angle_gamma   90.000
#
_symmetry.space_group_name_H-M   'P 21 21 21'
#
loop_
_entity.id
_entity.type
_entity.pdbx_description
1 polymer 'Corticosteroid 11-beta-dehydrogenase isozyme 1'
2 non-polymer 'NADP NICOTINAMIDE-ADENINE-DINUCLEOTIDE PHOSPHATE'
3 non-polymer 2-[(1R,3S,5R,7S)-2-[4-(4-FLUOROPHENYL)PHENYL]-6-HYDROXYADAMANTAN-2-YL]-1-(3-HYDROXYAZETIDIN-1-YL)ETHAN-1-ONE
4 water water
#
_entity_poly.entity_id   1
_entity_poly.type   'polypeptide(L)'
_entity_poly.pdbx_seq_one_letter_code
;GSHMASMTGGQQMGRGSNEEFRPEMLQGKKVIVTGASKGIGREMAYHLAKMGAHVVVTARSKETLQKVVSHCLELGAASA
HYIAGTMEDMTFAEQFVAQAGKLMGGLDMLILNHITNTSLNLFHDDIHHVRKSMEVNFLSYVVLTVAALPMLKQSNGSIV
VVSSLAGKVAYPMVAAYSASKFALDGFFSSIRKEYSVSRVNVSITLCVLGLIDTETAMKAVSGIVHMQAAPKEECALEII
KGGALRQEEVYYDSSRWTTLLIRNPCRKILEELYSTSYNMDRFINK
;
_entity_poly.pdbx_strand_id   A,B,D,E
#
# COMPACT_ATOMS: atom_id res chain seq x y z
N GLU A 20 -18.57 17.05 -8.03
CA GLU A 20 -18.95 16.87 -9.43
C GLU A 20 -18.78 18.16 -10.24
N PHE A 21 -18.14 18.03 -11.41
CA PHE A 21 -17.84 19.11 -12.33
C PHE A 21 -19.06 19.64 -13.07
N ARG A 22 -19.00 20.96 -13.42
CA ARG A 22 -20.00 21.72 -14.16
C ARG A 22 -19.25 22.70 -15.10
N PRO A 23 -19.56 22.72 -16.43
CA PRO A 23 -18.83 23.62 -17.36
C PRO A 23 -18.90 25.12 -17.07
N GLU A 24 -19.87 25.52 -16.22
CA GLU A 24 -20.12 26.91 -15.77
C GLU A 24 -18.98 27.42 -14.90
N MET A 25 -18.19 26.49 -14.34
CA MET A 25 -17.02 26.79 -13.51
C MET A 25 -15.96 27.55 -14.32
N LEU A 26 -15.93 27.36 -15.66
CA LEU A 26 -14.93 28.02 -16.49
C LEU A 26 -15.47 29.26 -17.17
N GLN A 27 -16.78 29.52 -17.02
CA GLN A 27 -17.44 30.67 -17.60
C GLN A 27 -16.81 31.97 -17.11
N GLY A 28 -16.16 32.67 -18.05
CA GLY A 28 -15.48 33.94 -17.84
C GLY A 28 -14.12 33.89 -17.15
N LYS A 29 -13.60 32.67 -16.92
CA LYS A 29 -12.30 32.46 -16.28
C LYS A 29 -11.16 32.80 -17.22
N LYS A 30 -10.07 33.34 -16.67
CA LYS A 30 -8.90 33.75 -17.45
C LYS A 30 -7.86 32.60 -17.42
N VAL A 31 -7.75 31.88 -18.55
CA VAL A 31 -6.92 30.68 -18.68
C VAL A 31 -5.78 30.79 -19.69
N ILE A 32 -4.59 30.28 -19.31
CA ILE A 32 -3.41 30.12 -20.16
C ILE A 32 -3.32 28.62 -20.48
N VAL A 33 -3.09 28.27 -21.76
CA VAL A 33 -2.87 26.88 -22.18
C VAL A 33 -1.57 26.88 -22.98
N THR A 34 -0.54 26.17 -22.49
CA THR A 34 0.73 26.09 -23.20
C THR A 34 0.70 24.86 -24.09
N GLY A 35 1.56 24.82 -25.11
CA GLY A 35 1.61 23.71 -26.05
C GLY A 35 0.24 23.39 -26.60
N ALA A 36 -0.49 24.45 -27.01
CA ALA A 36 -1.90 24.40 -27.41
C ALA A 36 -2.16 24.52 -28.92
N SER A 37 -1.12 24.33 -29.76
CA SER A 37 -1.30 24.39 -31.21
C SER A 37 -1.78 23.04 -31.75
N LYS A 38 -1.58 21.96 -30.97
CA LYS A 38 -1.98 20.61 -31.36
C LYS A 38 -2.17 19.69 -30.15
N GLY A 39 -2.66 18.48 -30.44
CA GLY A 39 -2.91 17.40 -29.51
C GLY A 39 -3.81 17.78 -28.34
N ILE A 40 -3.41 17.31 -27.15
CA ILE A 40 -4.12 17.49 -25.90
C ILE A 40 -4.34 18.99 -25.57
N GLY A 41 -3.33 19.83 -25.79
CA GLY A 41 -3.33 21.28 -25.58
C GLY A 41 -4.41 22.02 -26.36
N ARG A 42 -4.49 21.71 -27.66
CA ARG A 42 -5.50 22.26 -28.58
C ARG A 42 -6.92 21.79 -28.18
N GLU A 43 -7.05 20.52 -27.76
CA GLU A 43 -8.31 19.97 -27.29
C GLU A 43 -8.80 20.68 -26.02
N MET A 44 -7.86 21.07 -25.12
CA MET A 44 -8.15 21.82 -23.90
C MET A 44 -8.63 23.24 -24.25
N ALA A 45 -7.96 23.89 -25.21
CA ALA A 45 -8.28 25.25 -25.70
C ALA A 45 -9.70 25.30 -26.26
N TYR A 46 -10.12 24.21 -26.96
CA TYR A 46 -11.43 24.04 -27.56
C TYR A 46 -12.52 23.86 -26.49
N HIS A 47 -12.27 23.01 -25.46
CA HIS A 47 -13.21 22.77 -24.36
C HIS A 47 -13.45 24.06 -23.54
N LEU A 48 -12.40 24.85 -23.27
CA LEU A 48 -12.48 26.10 -22.50
C LEU A 48 -13.33 27.19 -23.21
N ALA A 49 -13.17 27.26 -24.55
CA ALA A 49 -13.87 28.18 -25.46
C ALA A 49 -15.36 27.86 -25.43
N LYS A 50 -15.71 26.57 -25.42
CA LYS A 50 -17.08 26.10 -25.33
C LYS A 50 -17.70 26.53 -23.97
N MET A 51 -16.90 26.53 -22.89
CA MET A 51 -17.33 26.89 -21.54
C MET A 51 -17.40 28.39 -21.31
N GLY A 52 -16.92 29.17 -22.29
CA GLY A 52 -16.97 30.63 -22.28
C GLY A 52 -15.83 31.34 -21.57
N ALA A 53 -14.67 30.67 -21.43
CA ALA A 53 -13.50 31.22 -20.76
C ALA A 53 -12.76 32.19 -21.65
N HIS A 54 -11.95 33.07 -21.07
CA HIS A 54 -11.03 33.94 -21.79
C HIS A 54 -9.77 33.06 -21.93
N VAL A 55 -9.21 32.94 -23.14
CA VAL A 55 -8.05 32.08 -23.34
C VAL A 55 -6.89 32.79 -24.01
N VAL A 56 -5.66 32.45 -23.56
CA VAL A 56 -4.41 32.87 -24.15
C VAL A 56 -3.64 31.56 -24.38
N VAL A 57 -3.47 31.20 -25.66
CA VAL A 57 -2.79 29.98 -26.10
C VAL A 57 -1.38 30.27 -26.57
N THR A 58 -0.47 29.29 -26.41
CA THR A 58 0.92 29.44 -26.84
C THR A 58 1.47 28.13 -27.36
N ALA A 59 2.50 28.25 -28.24
CA ALA A 59 3.31 27.23 -28.93
C ALA A 59 4.23 28.03 -29.83
N ARG A 60 5.14 27.37 -30.58
CA ARG A 60 6.05 28.09 -31.49
C ARG A 60 5.39 28.54 -32.82
N SER A 61 4.48 27.68 -33.38
CA SER A 61 3.80 27.85 -34.69
C SER A 61 2.65 28.87 -34.72
N LYS A 62 2.95 30.13 -35.16
CA LYS A 62 2.03 31.29 -35.28
C LYS A 62 0.78 30.90 -36.08
N GLU A 63 0.97 30.20 -37.22
CA GLU A 63 -0.08 29.74 -38.14
C GLU A 63 -1.06 28.80 -37.48
N THR A 64 -0.54 27.78 -36.79
CA THR A 64 -1.34 26.76 -36.11
C THR A 64 -2.11 27.35 -34.93
N LEU A 65 -1.50 28.34 -34.24
CA LEU A 65 -2.12 29.04 -33.09
C LEU A 65 -3.27 29.92 -33.55
N GLN A 66 -3.14 30.58 -34.74
CA GLN A 66 -4.17 31.42 -35.36
C GLN A 66 -5.43 30.60 -35.59
N LYS A 67 -5.27 29.38 -36.15
CA LYS A 67 -6.33 28.42 -36.43
C LYS A 67 -7.06 28.02 -35.17
N VAL A 68 -6.32 27.82 -34.05
CA VAL A 68 -6.88 27.46 -32.75
C VAL A 68 -7.69 28.61 -32.18
N VAL A 69 -7.15 29.86 -32.19
CA VAL A 69 -7.80 31.09 -31.70
C VAL A 69 -9.14 31.30 -32.41
N SER A 70 -9.11 31.27 -33.78
CA SER A 70 -10.28 31.40 -34.66
C SER A 70 -11.34 30.34 -34.35
N HIS A 71 -10.92 29.05 -34.28
CA HIS A 71 -11.78 27.91 -33.94
C HIS A 71 -12.29 27.98 -32.49
N CYS A 72 -11.57 28.74 -31.62
CA CYS A 72 -11.93 28.94 -30.22
C CYS A 72 -13.02 30.02 -30.13
N LEU A 73 -12.80 31.19 -30.77
CA LEU A 73 -13.80 32.27 -30.85
C LEU A 73 -15.09 31.75 -31.51
N GLU A 74 -14.94 30.75 -32.40
CA GLU A 74 -16.00 30.03 -33.13
C GLU A 74 -16.82 29.21 -32.15
N LEU A 75 -16.18 28.67 -31.10
CA LEU A 75 -16.86 27.83 -30.11
C LEU A 75 -17.49 28.62 -28.94
N GLY A 76 -17.32 29.94 -28.94
CA GLY A 76 -17.92 30.82 -27.94
C GLY A 76 -17.05 31.24 -26.77
N ALA A 77 -15.75 31.50 -27.02
CA ALA A 77 -14.83 31.97 -25.99
C ALA A 77 -15.11 33.45 -25.75
N ALA A 78 -14.99 33.89 -24.48
CA ALA A 78 -15.19 35.29 -24.08
C ALA A 78 -14.19 36.19 -24.80
N SER A 79 -12.97 35.69 -24.96
CA SER A 79 -11.84 36.27 -25.71
C SER A 79 -10.85 35.16 -26.01
N ALA A 80 -10.11 35.30 -27.10
CA ALA A 80 -9.12 34.32 -27.51
C ALA A 80 -7.94 35.03 -28.13
N HIS A 81 -6.75 34.76 -27.59
CA HIS A 81 -5.50 35.33 -28.05
C HIS A 81 -4.42 34.27 -28.08
N TYR A 82 -3.39 34.55 -28.88
CA TYR A 82 -2.22 33.71 -28.93
C TYR A 82 -0.99 34.61 -28.85
N ILE A 83 0.10 34.04 -28.34
CA ILE A 83 1.42 34.63 -28.26
C ILE A 83 2.33 33.45 -28.63
N ALA A 84 3.03 33.55 -29.76
CA ALA A 84 3.92 32.50 -30.25
C ALA A 84 5.35 32.73 -29.76
N GLY A 85 6.03 31.63 -29.49
CA GLY A 85 7.41 31.63 -29.03
C GLY A 85 7.85 30.30 -28.45
N THR A 86 9.16 30.15 -28.26
CA THR A 86 9.74 28.93 -27.72
C THR A 86 9.92 29.00 -26.21
N MET A 87 9.56 27.89 -25.55
CA MET A 87 9.71 27.70 -24.10
C MET A 87 11.15 27.29 -23.73
N GLU A 88 12.08 27.33 -24.70
CA GLU A 88 13.52 27.15 -24.50
C GLU A 88 14.07 28.46 -23.92
N ASP A 89 13.40 29.58 -24.27
CA ASP A 89 13.74 30.94 -23.87
C ASP A 89 12.96 31.28 -22.61
N MET A 90 13.69 31.34 -21.47
CA MET A 90 13.13 31.65 -20.14
C MET A 90 12.60 33.07 -20.05
N THR A 91 13.18 33.99 -20.88
CA THR A 91 12.74 35.38 -20.98
C THR A 91 11.35 35.42 -21.65
N PHE A 92 11.15 34.64 -22.75
CA PHE A 92 9.87 34.56 -23.43
C PHE A 92 8.81 34.00 -22.45
N ALA A 93 9.15 32.93 -21.72
CA ALA A 93 8.25 32.29 -20.74
C ALA A 93 7.74 33.27 -19.69
N GLU A 94 8.65 34.08 -19.11
CA GLU A 94 8.37 35.10 -18.10
C GLU A 94 7.49 36.23 -18.63
N GLN A 95 7.85 36.77 -19.81
CA GLN A 95 7.14 37.86 -20.47
C GLN A 95 5.81 37.43 -21.04
N PHE A 96 5.69 36.17 -21.51
CA PHE A 96 4.45 35.62 -22.05
C PHE A 96 3.30 35.73 -21.03
N VAL A 97 3.56 35.36 -19.76
CA VAL A 97 2.59 35.38 -18.67
C VAL A 97 2.07 36.81 -18.36
N ALA A 98 2.99 37.78 -18.25
CA ALA A 98 2.67 39.19 -18.01
C ALA A 98 1.81 39.72 -19.16
N GLN A 99 2.24 39.41 -20.43
CA GLN A 99 1.60 39.78 -21.70
C GLN A 99 0.18 39.25 -21.72
N ALA A 100 0.02 37.96 -21.40
CA ALA A 100 -1.28 37.26 -21.31
C ALA A 100 -2.17 37.86 -20.20
N GLY A 101 -1.54 38.21 -19.07
CA GLY A 101 -2.18 38.81 -17.90
C GLY A 101 -2.69 40.20 -18.15
N LYS A 102 -2.02 40.93 -19.05
CA LYS A 102 -2.40 42.26 -19.51
C LYS A 102 -3.62 42.13 -20.47
N LEU A 103 -3.60 41.11 -21.36
CA LEU A 103 -4.65 40.81 -22.34
C LEU A 103 -5.97 40.45 -21.68
N MET A 104 -5.94 39.63 -20.63
CA MET A 104 -7.15 39.16 -19.95
C MET A 104 -7.52 39.97 -18.71
N GLY A 105 -6.60 40.79 -18.21
CA GLY A 105 -6.78 41.57 -17.00
C GLY A 105 -6.72 40.69 -15.76
N GLY A 106 -5.82 39.69 -15.80
CA GLY A 106 -5.64 38.74 -14.72
C GLY A 106 -5.48 37.30 -15.17
N LEU A 107 -5.57 36.35 -14.21
CA LEU A 107 -5.41 34.92 -14.46
C LEU A 107 -6.06 34.06 -13.39
N ASP A 108 -6.84 33.07 -13.82
CA ASP A 108 -7.53 32.13 -12.93
C ASP A 108 -6.92 30.73 -13.02
N MET A 109 -6.48 30.32 -14.21
CA MET A 109 -5.91 28.98 -14.41
C MET A 109 -4.69 29.00 -15.33
N LEU A 110 -3.63 28.30 -14.91
CA LEU A 110 -2.38 28.18 -15.67
C LEU A 110 -2.23 26.71 -16.06
N ILE A 111 -2.39 26.40 -17.37
CA ILE A 111 -2.27 25.01 -17.86
C ILE A 111 -0.93 24.84 -18.56
N LEU A 112 -0.06 24.05 -17.92
CA LEU A 112 1.31 23.78 -18.36
C LEU A 112 1.32 22.43 -19.02
N ASN A 113 1.42 22.42 -20.35
CA ASN A 113 1.24 21.23 -21.14
C ASN A 113 2.37 20.94 -22.14
N HIS A 114 3.03 21.97 -22.69
CA HIS A 114 4.10 21.79 -23.69
C HIS A 114 5.25 20.89 -23.22
N ILE A 115 5.93 20.26 -24.19
CA ILE A 115 7.14 19.46 -24.00
C ILE A 115 7.95 19.67 -25.27
N THR A 116 9.27 19.44 -25.20
CA THR A 116 10.16 19.49 -26.35
C THR A 116 9.94 18.19 -27.19
N ASN A 117 10.12 18.28 -28.52
CA ASN A 117 9.97 17.14 -29.43
C ASN A 117 10.88 15.99 -28.99
N THR A 118 10.26 14.83 -28.73
CA THR A 118 10.90 13.64 -28.22
C THR A 118 10.46 12.42 -29.00
N SER A 119 11.41 11.52 -29.27
CA SER A 119 11.15 10.25 -29.93
C SER A 119 11.66 9.13 -29.01
N LEU A 120 11.25 7.88 -29.26
CA LEU A 120 11.65 6.72 -28.47
C LEU A 120 12.99 6.19 -28.96
N ASN A 121 14.04 6.29 -28.11
CA ASN A 121 15.40 5.83 -28.41
C ASN A 121 16.12 5.49 -27.14
N LEU A 122 17.08 4.57 -27.22
CA LEU A 122 17.93 4.21 -26.09
C LEU A 122 18.85 5.40 -25.83
N PHE A 123 19.19 5.61 -24.56
CA PHE A 123 20.08 6.69 -24.21
C PHE A 123 21.54 6.22 -24.38
N HIS A 124 22.35 7.04 -25.08
CA HIS A 124 23.77 6.77 -25.25
C HIS A 124 24.62 7.95 -24.76
N ASP A 125 24.54 9.10 -25.44
CA ASP A 125 25.35 10.25 -25.04
C ASP A 125 24.70 11.61 -25.30
N ASP A 126 23.40 11.63 -25.63
CA ASP A 126 22.72 12.87 -25.97
C ASP A 126 22.39 13.69 -24.73
N ILE A 127 23.40 14.41 -24.22
CA ILE A 127 23.27 15.30 -23.04
C ILE A 127 22.48 16.56 -23.43
N HIS A 128 22.59 16.98 -24.71
CA HIS A 128 21.86 18.14 -25.26
C HIS A 128 20.34 17.89 -25.15
N HIS A 129 19.86 16.67 -25.48
CA HIS A 129 18.47 16.30 -25.34
C HIS A 129 18.07 16.16 -23.84
N VAL A 130 19.00 15.71 -22.97
CA VAL A 130 18.73 15.63 -21.53
C VAL A 130 18.49 17.04 -20.97
N ARG A 131 19.42 17.98 -21.28
CA ARG A 131 19.34 19.37 -20.86
C ARG A 131 18.13 20.11 -21.43
N LYS A 132 17.84 19.95 -22.74
CA LYS A 132 16.70 20.58 -23.42
C LYS A 132 15.38 20.08 -22.83
N SER A 133 15.30 18.78 -22.52
CA SER A 133 14.12 18.20 -21.88
C SER A 133 13.90 18.83 -20.50
N MET A 134 14.98 19.00 -19.71
CA MET A 134 14.89 19.64 -18.39
C MET A 134 14.50 21.09 -18.49
N GLU A 135 15.04 21.82 -19.49
CA GLU A 135 14.76 23.24 -19.70
C GLU A 135 13.31 23.48 -20.16
N VAL A 136 12.90 22.80 -21.24
CA VAL A 136 11.56 22.95 -21.80
C VAL A 136 10.48 22.28 -20.94
N ASN A 137 10.60 20.98 -20.67
CA ASN A 137 9.55 20.25 -19.95
C ASN A 137 9.45 20.55 -18.46
N PHE A 138 10.52 21.11 -17.86
CA PHE A 138 10.50 21.33 -16.42
C PHE A 138 10.79 22.77 -16.02
N LEU A 139 11.94 23.30 -16.39
CA LEU A 139 12.34 24.64 -15.97
C LEU A 139 11.40 25.74 -16.42
N SER A 140 10.91 25.70 -17.69
CA SER A 140 9.97 26.75 -18.15
C SER A 140 8.68 26.70 -17.34
N TYR A 141 8.25 25.51 -16.91
CA TYR A 141 7.06 25.32 -16.05
C TYR A 141 7.23 26.08 -14.75
N VAL A 142 8.45 26.02 -14.14
CA VAL A 142 8.81 26.73 -12.91
C VAL A 142 8.77 28.26 -13.17
N VAL A 143 9.40 28.72 -14.28
CA VAL A 143 9.46 30.13 -14.71
C VAL A 143 8.05 30.70 -14.92
N LEU A 144 7.18 29.92 -15.58
CA LEU A 144 5.79 30.28 -15.88
C LEU A 144 5.00 30.43 -14.59
N THR A 145 5.21 29.49 -13.63
CA THR A 145 4.58 29.49 -12.30
C THR A 145 4.97 30.74 -11.50
N VAL A 146 6.28 31.06 -11.41
CA VAL A 146 6.80 32.25 -10.69
C VAL A 146 6.15 33.53 -11.23
N ALA A 147 6.11 33.67 -12.57
CA ALA A 147 5.51 34.79 -13.30
C ALA A 147 3.99 34.90 -13.08
N ALA A 148 3.28 33.76 -12.98
CA ALA A 148 1.83 33.68 -12.81
C ALA A 148 1.30 33.79 -11.39
N LEU A 149 2.12 33.40 -10.38
CA LEU A 149 1.70 33.32 -8.98
C LEU A 149 1.06 34.60 -8.41
N PRO A 150 1.60 35.84 -8.60
CA PRO A 150 0.91 37.02 -8.04
C PRO A 150 -0.57 37.11 -8.48
N MET A 151 -0.82 36.89 -9.79
CA MET A 151 -2.17 36.91 -10.37
C MET A 151 -3.05 35.77 -9.85
N LEU A 152 -2.48 34.55 -9.69
CA LEU A 152 -3.21 33.38 -9.20
C LEU A 152 -3.56 33.51 -7.73
N LYS A 153 -2.74 34.24 -6.97
CA LYS A 153 -2.98 34.52 -5.54
C LYS A 153 -4.18 35.47 -5.39
N GLN A 154 -4.28 36.47 -6.27
CA GLN A 154 -5.36 37.47 -6.31
C GLN A 154 -6.70 36.78 -6.59
N SER A 155 -6.71 35.85 -7.56
CA SER A 155 -7.90 35.11 -7.99
C SER A 155 -8.15 33.81 -7.24
N ASN A 156 -7.22 33.39 -6.34
CA ASN A 156 -7.28 32.09 -5.64
C ASN A 156 -7.39 30.98 -6.71
N GLY A 157 -6.56 31.13 -7.75
CA GLY A 157 -6.48 30.30 -8.94
C GLY A 157 -5.93 28.90 -8.84
N SER A 158 -5.62 28.30 -9.99
CA SER A 158 -5.13 26.94 -10.07
C SER A 158 -3.97 26.80 -11.05
N ILE A 159 -3.04 25.86 -10.76
CA ILE A 159 -1.94 25.46 -11.63
C ILE A 159 -2.25 24.02 -12.03
N VAL A 160 -2.24 23.76 -13.36
CA VAL A 160 -2.48 22.44 -13.92
C VAL A 160 -1.19 22.01 -14.65
N VAL A 161 -0.59 20.90 -14.19
CA VAL A 161 0.66 20.35 -14.70
C VAL A 161 0.42 19.05 -15.45
N VAL A 162 0.65 19.07 -16.76
CA VAL A 162 0.47 17.85 -17.56
C VAL A 162 1.72 16.99 -17.47
N SER A 163 1.58 15.84 -16.82
CA SER A 163 2.65 14.87 -16.67
C SER A 163 2.27 13.57 -17.41
N SER A 164 2.77 12.42 -16.96
CA SER A 164 2.65 11.16 -17.65
C SER A 164 2.80 10.03 -16.66
N LEU A 165 2.48 8.80 -17.11
CA LEU A 165 2.72 7.56 -16.36
C LEU A 165 4.24 7.43 -16.20
N ALA A 166 5.00 7.93 -17.22
CA ALA A 166 6.47 7.98 -17.27
C ALA A 166 7.06 9.00 -16.28
N GLY A 167 6.17 9.73 -15.59
CA GLY A 167 6.50 10.66 -14.52
C GLY A 167 6.14 10.08 -13.16
N LYS A 168 5.75 8.79 -13.13
CA LYS A 168 5.37 8.08 -11.90
C LYS A 168 6.09 6.73 -11.82
N VAL A 169 6.25 6.06 -12.98
CA VAL A 169 6.93 4.77 -13.10
C VAL A 169 8.01 4.87 -14.20
N ALA A 170 8.98 3.96 -14.18
CA ALA A 170 10.08 3.94 -15.13
C ALA A 170 9.67 3.25 -16.43
N TYR A 171 10.14 3.80 -17.55
CA TYR A 171 9.93 3.28 -18.89
C TYR A 171 11.24 3.34 -19.63
N PRO A 172 11.63 2.32 -20.42
CA PRO A 172 12.86 2.47 -21.21
C PRO A 172 12.58 3.34 -22.45
N MET A 173 13.65 3.80 -23.14
CA MET A 173 13.63 4.61 -24.37
C MET A 173 13.13 6.06 -24.21
N VAL A 174 12.93 6.52 -22.95
CA VAL A 174 12.45 7.88 -22.61
C VAL A 174 13.13 8.45 -21.36
N ALA A 175 14.42 8.13 -21.15
CA ALA A 175 15.21 8.55 -19.97
C ALA A 175 15.16 10.05 -19.64
N ALA A 176 15.48 10.92 -20.63
CA ALA A 176 15.48 12.38 -20.46
C ALA A 176 14.07 12.92 -20.18
N TYR A 177 13.08 12.42 -20.96
CA TYR A 177 11.67 12.78 -20.85
C TYR A 177 11.11 12.40 -19.45
N SER A 178 11.37 11.17 -19.03
CA SER A 178 10.96 10.62 -17.75
C SER A 178 11.56 11.42 -16.59
N ALA A 179 12.86 11.78 -16.71
CA ALA A 179 13.55 12.59 -15.70
C ALA A 179 12.84 13.92 -15.51
N SER A 180 12.45 14.59 -16.62
CA SER A 180 11.76 15.88 -16.59
C SER A 180 10.33 15.79 -16.01
N LYS A 181 9.65 14.63 -16.17
CA LYS A 181 8.28 14.44 -15.67
C LYS A 181 8.30 14.08 -14.20
N PHE A 182 9.30 13.29 -13.76
CA PHE A 182 9.53 12.98 -12.34
C PHE A 182 9.87 14.30 -11.60
N ALA A 183 10.75 15.15 -12.19
CA ALA A 183 11.12 16.47 -11.63
C ALA A 183 9.86 17.32 -11.37
N LEU A 184 8.89 17.31 -12.29
CA LEU A 184 7.63 18.05 -12.14
C LEU A 184 6.91 17.62 -10.87
N ASP A 185 6.88 16.29 -10.59
CA ASP A 185 6.27 15.74 -9.41
C ASP A 185 6.97 16.23 -8.14
N GLY A 186 8.28 16.10 -8.11
CA GLY A 186 9.09 16.57 -6.98
C GLY A 186 8.91 18.03 -6.68
N PHE A 187 8.96 18.87 -7.72
CA PHE A 187 8.81 20.31 -7.55
C PHE A 187 7.43 20.74 -7.12
N PHE A 188 6.42 20.43 -7.92
CA PHE A 188 5.05 20.88 -7.70
C PHE A 188 4.38 20.25 -6.48
N SER A 189 4.78 19.02 -6.10
CA SER A 189 4.21 18.38 -4.91
C SER A 189 4.81 19.00 -3.65
N SER A 190 6.07 19.47 -3.74
CA SER A 190 6.75 20.15 -2.65
C SER A 190 6.16 21.55 -2.37
N ILE A 191 5.96 22.36 -3.45
CA ILE A 191 5.37 23.71 -3.31
C ILE A 191 3.90 23.62 -2.91
N ARG A 192 3.21 22.51 -3.25
CA ARG A 192 1.81 22.33 -2.83
C ARG A 192 1.74 22.29 -1.30
N LYS A 193 2.71 21.58 -0.67
CA LYS A 193 2.83 21.46 0.77
C LYS A 193 3.22 22.79 1.40
N GLU A 194 4.03 23.60 0.70
CA GLU A 194 4.42 24.94 1.15
C GLU A 194 3.21 25.88 1.10
N TYR A 195 2.40 25.83 0.01
CA TYR A 195 1.21 26.67 -0.16
C TYR A 195 0.17 26.36 0.91
N SER A 196 0.10 25.10 1.33
CA SER A 196 -0.81 24.65 2.39
C SER A 196 -0.49 25.34 3.74
N VAL A 197 0.79 25.38 4.12
CA VAL A 197 1.25 25.97 5.40
C VAL A 197 1.38 27.51 5.33
N SER A 198 1.57 28.08 4.11
CA SER A 198 1.67 29.52 3.89
C SER A 198 0.30 30.12 3.60
N ARG A 199 -0.73 29.27 3.58
CA ARG A 199 -2.12 29.61 3.28
C ARG A 199 -2.24 30.41 1.95
N VAL A 200 -1.59 29.86 0.89
CA VAL A 200 -1.63 30.36 -0.49
C VAL A 200 -2.73 29.52 -1.11
N ASN A 201 -3.86 30.15 -1.47
CA ASN A 201 -5.01 29.41 -2.02
C ASN A 201 -4.92 29.23 -3.54
N VAL A 202 -3.80 28.65 -3.99
CA VAL A 202 -3.52 28.30 -5.40
C VAL A 202 -3.38 26.79 -5.40
N SER A 203 -4.32 26.08 -6.07
CA SER A 203 -4.31 24.61 -6.11
C SER A 203 -3.31 24.14 -7.18
N ILE A 204 -2.80 22.91 -7.02
CA ILE A 204 -1.84 22.31 -7.95
C ILE A 204 -2.33 20.94 -8.37
N THR A 205 -2.65 20.77 -9.66
CA THR A 205 -3.11 19.49 -10.23
C THR A 205 -2.03 18.87 -11.13
N LEU A 206 -1.52 17.69 -10.74
CA LEU A 206 -0.56 16.92 -11.54
C LEU A 206 -1.39 15.86 -12.27
N CYS A 207 -1.37 15.91 -13.61
CA CYS A 207 -2.11 15.00 -14.47
C CYS A 207 -1.20 13.91 -15.00
N VAL A 208 -1.46 12.68 -14.60
CA VAL A 208 -0.71 11.48 -14.95
C VAL A 208 -1.46 10.78 -16.07
N LEU A 209 -0.95 10.92 -17.31
CA LEU A 209 -1.58 10.36 -18.50
C LEU A 209 -0.89 9.16 -19.09
N GLY A 210 -1.71 8.24 -19.60
CA GLY A 210 -1.28 7.05 -20.32
C GLY A 210 -1.29 7.36 -21.82
N LEU A 211 -1.13 6.35 -22.69
CA LEU A 211 -1.12 6.58 -24.14
C LEU A 211 -2.42 7.20 -24.61
N ILE A 212 -2.29 8.36 -25.28
CA ILE A 212 -3.41 9.14 -25.82
C ILE A 212 -3.28 9.07 -27.35
N ASP A 213 -4.40 9.31 -28.09
CA ASP A 213 -4.49 9.18 -29.55
C ASP A 213 -4.10 10.46 -30.34
N THR A 214 -3.08 11.20 -29.85
CA THR A 214 -2.56 12.40 -30.54
C THR A 214 -1.69 11.96 -31.72
N GLU A 215 -1.57 12.80 -32.76
CA GLU A 215 -0.77 12.53 -33.95
C GLU A 215 0.69 12.20 -33.61
N THR A 216 1.29 12.99 -32.70
CA THR A 216 2.67 12.86 -32.24
C THR A 216 2.97 11.50 -31.58
N ALA A 217 2.10 11.08 -30.62
CA ALA A 217 2.24 9.83 -29.86
C ALA A 217 1.96 8.61 -30.71
N MET A 218 0.94 8.68 -31.57
CA MET A 218 0.57 7.62 -32.49
C MET A 218 1.74 7.34 -33.46
N LYS A 219 2.41 8.41 -33.93
CA LYS A 219 3.56 8.29 -34.82
C LYS A 219 4.79 7.77 -34.10
N ALA A 220 5.04 8.24 -32.86
CA ALA A 220 6.21 7.81 -32.10
C ALA A 220 6.19 6.33 -31.66
N VAL A 221 4.99 5.77 -31.38
CA VAL A 221 4.83 4.37 -30.94
C VAL A 221 4.76 3.37 -32.10
N SER A 222 4.43 3.88 -33.31
CA SER A 222 4.30 3.12 -34.56
C SER A 222 5.46 2.14 -34.81
N GLY A 223 5.11 0.86 -34.82
CA GLY A 223 6.03 -0.26 -35.03
C GLY A 223 6.93 -0.62 -33.87
N ILE A 224 6.76 0.07 -32.70
CA ILE A 224 7.55 -0.15 -31.48
C ILE A 224 6.63 -0.70 -30.40
N VAL A 225 5.52 -0.02 -30.14
CA VAL A 225 4.52 -0.42 -29.15
C VAL A 225 3.08 -0.23 -29.64
N HIS A 226 2.16 -1.14 -29.28
CA HIS A 226 0.73 -1.02 -29.63
C HIS A 226 -0.10 -1.15 -28.35
N MET A 227 -1.21 -0.39 -28.25
CA MET A 227 -2.14 -0.38 -27.11
C MET A 227 -3.53 0.05 -27.62
N GLN A 228 -4.38 0.55 -26.71
CA GLN A 228 -5.73 1.03 -27.03
C GLN A 228 -5.82 2.56 -26.76
N ALA A 229 -5.08 3.36 -27.56
CA ALA A 229 -4.97 4.82 -27.50
C ALA A 229 -6.22 5.56 -27.02
N ALA A 230 -6.13 6.15 -25.82
CA ALA A 230 -7.22 6.89 -25.18
C ALA A 230 -7.55 8.15 -25.97
N PRO A 231 -8.83 8.56 -26.08
CA PRO A 231 -9.14 9.74 -26.90
C PRO A 231 -8.69 11.07 -26.29
N LYS A 232 -8.04 11.90 -27.12
CA LYS A 232 -7.48 13.21 -26.77
C LYS A 232 -8.54 14.22 -26.29
N GLU A 233 -9.79 14.10 -26.77
CA GLU A 233 -10.93 14.97 -26.43
C GLU A 233 -11.28 14.80 -24.96
N GLU A 234 -11.54 13.55 -24.55
CA GLU A 234 -11.89 13.15 -23.19
C GLU A 234 -10.74 13.44 -22.23
N CYS A 235 -9.49 13.19 -22.69
CA CYS A 235 -8.28 13.44 -21.90
C CYS A 235 -8.21 14.90 -21.51
N ALA A 236 -8.31 15.80 -22.51
CA ALA A 236 -8.29 17.25 -22.35
C ALA A 236 -9.32 17.74 -21.35
N LEU A 237 -10.54 17.16 -21.37
CA LEU A 237 -11.64 17.49 -20.47
C LEU A 237 -11.35 17.05 -19.05
N GLU A 238 -10.86 15.79 -18.88
CA GLU A 238 -10.50 15.24 -17.58
C GLU A 238 -9.42 16.08 -16.89
N ILE A 239 -8.52 16.70 -17.68
CA ILE A 239 -7.45 17.58 -17.20
C ILE A 239 -8.07 18.86 -16.64
N ILE A 240 -8.97 19.51 -17.42
CA ILE A 240 -9.71 20.72 -17.03
C ILE A 240 -10.59 20.45 -15.81
N LYS A 241 -11.23 19.27 -15.75
CA LYS A 241 -12.10 18.85 -14.66
C LYS A 241 -11.36 18.84 -13.33
N GLY A 242 -10.19 18.19 -13.30
CA GLY A 242 -9.34 18.08 -12.12
C GLY A 242 -8.86 19.43 -11.63
N GLY A 243 -8.51 20.30 -12.59
CA GLY A 243 -8.08 21.67 -12.33
C GLY A 243 -9.18 22.49 -11.66
N ALA A 244 -10.37 22.51 -12.29
CA ALA A 244 -11.56 23.20 -11.77
C ALA A 244 -11.99 22.66 -10.39
N LEU A 245 -11.97 21.31 -10.20
CA LEU A 245 -12.30 20.65 -8.94
C LEU A 245 -11.17 20.74 -7.90
N ARG A 246 -10.01 21.32 -8.29
CA ARG A 246 -8.83 21.54 -7.45
C ARG A 246 -8.25 20.20 -6.88
N GLN A 247 -8.30 19.13 -7.69
CA GLN A 247 -7.76 17.81 -7.30
C GLN A 247 -6.24 17.88 -7.37
N GLU A 248 -5.56 17.19 -6.45
CA GLU A 248 -4.11 17.16 -6.36
C GLU A 248 -3.52 16.42 -7.57
N GLU A 249 -4.14 15.29 -7.91
CA GLU A 249 -3.71 14.44 -9.02
C GLU A 249 -4.90 13.91 -9.82
N VAL A 250 -4.72 13.83 -11.14
CA VAL A 250 -5.67 13.32 -12.12
C VAL A 250 -4.97 12.18 -12.84
N TYR A 251 -5.64 11.03 -12.95
CA TYR A 251 -5.10 9.87 -13.63
C TYR A 251 -6.01 9.53 -14.81
N TYR A 252 -5.41 9.39 -15.99
CA TYR A 252 -6.16 9.10 -17.21
C TYR A 252 -5.41 8.12 -18.10
N ASP A 253 -5.93 6.89 -18.18
CA ASP A 253 -5.39 5.80 -18.99
C ASP A 253 -6.51 4.82 -19.38
N SER A 254 -6.31 4.13 -20.52
CA SER A 254 -7.22 3.12 -21.05
C SER A 254 -7.26 1.86 -20.21
N SER A 255 -6.11 1.44 -19.63
CA SER A 255 -6.02 0.23 -18.82
C SER A 255 -6.67 0.36 -17.44
N ARG A 256 -7.49 -0.66 -17.09
CA ARG A 256 -8.16 -0.77 -15.80
C ARG A 256 -7.13 -1.05 -14.70
N TRP A 257 -6.09 -1.81 -15.06
CA TRP A 257 -4.99 -2.22 -14.17
C TRP A 257 -4.13 -1.03 -13.77
N THR A 258 -3.95 -0.07 -14.69
CA THR A 258 -3.20 1.18 -14.47
C THR A 258 -3.88 2.02 -13.41
N THR A 259 -5.19 2.28 -13.56
CA THR A 259 -5.99 3.07 -12.63
C THR A 259 -5.93 2.49 -11.21
N LEU A 260 -5.90 1.15 -11.10
CA LEU A 260 -5.81 0.45 -9.83
C LEU A 260 -4.45 0.53 -9.15
N LEU A 261 -3.36 0.51 -9.94
CA LEU A 261 -1.98 0.47 -9.41
C LEU A 261 -1.21 1.79 -9.36
N ILE A 262 -1.64 2.79 -10.15
CA ILE A 262 -0.97 4.08 -10.28
C ILE A 262 -0.89 4.87 -8.94
N ARG A 263 -1.97 4.88 -8.16
CA ARG A 263 -2.04 5.59 -6.89
C ARG A 263 -1.04 5.04 -5.86
N ASN A 264 -0.44 5.94 -5.07
CA ASN A 264 0.51 5.57 -4.04
C ASN A 264 0.01 6.02 -2.64
N PRO A 265 -0.85 5.22 -1.99
CA PRO A 265 -1.37 5.60 -0.66
C PRO A 265 -0.29 5.73 0.44
N CYS A 266 0.74 4.87 0.36
CA CYS A 266 1.85 4.85 1.29
C CYS A 266 2.70 6.11 1.26
N ARG A 267 2.74 6.79 0.08
CA ARG A 267 3.43 8.06 -0.10
C ARG A 267 2.68 9.14 0.68
N LYS A 268 1.36 9.19 0.57
CA LYS A 268 0.53 10.15 1.30
C LYS A 268 0.68 9.92 2.81
N ILE A 269 0.70 8.65 3.25
CA ILE A 269 0.89 8.30 4.66
C ILE A 269 2.23 8.79 5.19
N LEU A 270 3.35 8.47 4.48
CA LEU A 270 4.71 8.92 4.81
C LEU A 270 4.84 10.44 4.87
N GLU A 271 4.23 11.13 3.89
CA GLU A 271 4.17 12.61 3.80
C GLU A 271 3.45 13.23 5.03
N GLU A 272 2.45 12.52 5.56
CA GLU A 272 1.72 12.99 6.72
C GLU A 272 2.54 12.83 8.01
N LEU A 273 3.33 11.74 8.12
CA LEU A 273 4.19 11.48 9.26
C LEU A 273 5.26 12.57 9.50
N TYR A 274 5.85 13.13 8.44
CA TYR A 274 6.88 14.17 8.54
C TYR A 274 6.33 15.60 8.73
N SER A 275 4.98 15.78 8.75
CA SER A 275 4.28 17.07 8.94
C SER A 275 4.34 17.55 10.40
N THR A 276 4.65 16.61 11.28
CA THR A 276 4.71 16.75 12.73
C THR A 276 6.12 17.16 13.19
N SER A 277 7.06 17.30 12.24
CA SER A 277 8.48 17.58 12.44
C SER A 277 8.96 19.03 12.23
N TYR A 278 8.06 19.98 11.90
CA TYR A 278 8.41 21.40 11.68
C TYR A 278 7.35 22.36 12.20
N ALA B 5 48.94 -13.70 -7.70
CA ALA B 5 48.24 -12.70 -8.52
C ALA B 5 47.79 -13.28 -9.88
N SER B 6 48.76 -13.70 -10.73
CA SER B 6 48.51 -14.31 -12.06
C SER B 6 48.10 -15.79 -11.91
N MET B 7 48.61 -16.44 -10.84
CA MET B 7 48.34 -17.83 -10.44
C MET B 7 47.02 -17.92 -9.63
N THR B 8 46.34 -16.77 -9.45
CA THR B 8 45.08 -16.65 -8.72
C THR B 8 43.90 -16.50 -9.72
N GLY B 9 42.75 -17.05 -9.33
CA GLY B 9 41.52 -17.03 -10.11
C GLY B 9 40.32 -17.45 -9.29
N GLY B 10 39.14 -17.30 -9.88
CA GLY B 10 37.86 -17.64 -9.26
C GLY B 10 36.87 -16.49 -9.23
N GLN B 11 35.81 -16.63 -8.40
CA GLN B 11 34.78 -15.61 -8.23
C GLN B 11 34.32 -15.46 -6.78
N GLN B 12 34.15 -14.19 -6.31
CA GLN B 12 33.64 -13.88 -4.96
C GLN B 12 32.11 -14.06 -4.93
N MET B 13 31.46 -13.84 -6.10
CA MET B 13 30.01 -13.94 -6.29
C MET B 13 29.57 -15.31 -6.78
N GLY B 14 28.89 -16.07 -5.91
CA GLY B 14 28.37 -17.39 -6.20
C GLY B 14 26.97 -17.56 -5.63
N ARG B 15 26.69 -18.74 -5.05
CA ARG B 15 25.41 -19.04 -4.39
C ARG B 15 25.33 -18.23 -3.10
N GLY B 16 24.31 -17.39 -2.99
CA GLY B 16 24.10 -16.49 -1.86
C GLY B 16 24.55 -15.07 -2.16
N SER B 17 25.36 -14.91 -3.23
CA SER B 17 25.84 -13.60 -3.66
C SER B 17 24.80 -12.98 -4.60
N ASN B 18 23.89 -12.22 -3.96
CA ASN B 18 22.74 -11.45 -4.43
C ASN B 18 21.93 -11.14 -3.14
N GLU B 19 22.31 -11.85 -2.05
CA GLU B 19 21.70 -11.82 -0.73
C GLU B 19 22.64 -11.34 0.39
N GLU B 20 23.79 -12.05 0.64
CA GLU B 20 24.67 -11.69 1.75
C GLU B 20 25.98 -11.02 1.33
N PHE B 21 26.21 -9.82 1.90
CA PHE B 21 27.40 -9.00 1.64
C PHE B 21 28.62 -9.54 2.36
N ARG B 22 29.79 -9.36 1.74
CA ARG B 22 31.11 -9.68 2.28
C ARG B 22 32.07 -8.53 1.89
N PRO B 23 32.85 -7.95 2.84
CA PRO B 23 33.81 -6.88 2.46
C PRO B 23 34.84 -7.30 1.39
N GLU B 24 35.00 -8.62 1.18
CA GLU B 24 35.89 -9.25 0.20
C GLU B 24 35.42 -8.99 -1.24
N MET B 25 34.12 -8.65 -1.40
CA MET B 25 33.47 -8.31 -2.68
C MET B 25 34.07 -7.03 -3.27
N LEU B 26 34.57 -6.11 -2.41
CA LEU B 26 35.19 -4.84 -2.79
C LEU B 26 36.72 -4.89 -2.85
N GLN B 27 37.33 -6.04 -2.49
CA GLN B 27 38.79 -6.27 -2.49
C GLN B 27 39.31 -6.13 -3.92
N GLY B 28 40.16 -5.12 -4.13
CA GLY B 28 40.77 -4.82 -5.42
C GLY B 28 39.86 -4.19 -6.45
N LYS B 29 38.77 -3.53 -6.00
CA LYS B 29 37.82 -2.84 -6.89
C LYS B 29 38.18 -1.37 -7.10
N LYS B 30 37.96 -0.87 -8.33
CA LYS B 30 38.30 0.51 -8.71
C LYS B 30 37.04 1.38 -8.57
N VAL B 31 37.03 2.24 -7.52
CA VAL B 31 35.88 3.06 -7.16
C VAL B 31 36.11 4.57 -7.23
N ILE B 32 35.09 5.31 -7.75
CA ILE B 32 35.00 6.77 -7.78
C ILE B 32 33.96 7.13 -6.72
N VAL B 33 34.26 8.14 -5.87
CA VAL B 33 33.32 8.67 -4.90
C VAL B 33 33.27 10.17 -5.12
N THR B 34 32.10 10.71 -5.51
CA THR B 34 31.94 12.15 -5.67
C THR B 34 31.46 12.76 -4.34
N GLY B 35 31.63 14.06 -4.17
CA GLY B 35 31.30 14.77 -2.93
C GLY B 35 31.81 14.01 -1.73
N ALA B 36 33.12 13.64 -1.76
CA ALA B 36 33.77 12.79 -0.77
C ALA B 36 34.75 13.50 0.18
N SER B 37 34.69 14.84 0.27
CA SER B 37 35.54 15.59 1.19
C SER B 37 34.97 15.61 2.60
N LYS B 38 33.65 15.33 2.74
CA LYS B 38 32.93 15.32 4.01
C LYS B 38 31.65 14.48 3.93
N GLY B 39 30.96 14.36 5.06
CA GLY B 39 29.69 13.65 5.20
C GLY B 39 29.72 12.20 4.80
N ILE B 40 28.64 11.75 4.16
CA ILE B 40 28.48 10.35 3.72
C ILE B 40 29.58 9.95 2.72
N GLY B 41 29.90 10.86 1.80
CA GLY B 41 30.94 10.67 0.78
C GLY B 41 32.28 10.25 1.35
N ARG B 42 32.76 11.01 2.36
CA ARG B 42 34.01 10.76 3.08
C ARG B 42 33.92 9.42 3.86
N GLU B 43 32.75 9.14 4.47
CA GLU B 43 32.50 7.89 5.19
C GLU B 43 32.55 6.67 4.27
N MET B 44 32.05 6.83 3.04
CA MET B 44 32.10 5.79 2.00
C MET B 44 33.54 5.53 1.56
N ALA B 45 34.32 6.61 1.34
CA ALA B 45 35.73 6.56 0.98
C ALA B 45 36.45 5.67 1.99
N TYR B 46 36.30 6.00 3.29
CA TYR B 46 36.89 5.34 4.45
C TYR B 46 36.57 3.84 4.53
N HIS B 47 35.30 3.46 4.31
CA HIS B 47 34.87 2.06 4.30
C HIS B 47 35.52 1.27 3.16
N LEU B 48 35.65 1.90 1.97
CA LEU B 48 36.24 1.28 0.77
C LEU B 48 37.74 1.04 0.96
N ALA B 49 38.42 2.00 1.61
CA ALA B 49 39.82 1.92 1.99
C ALA B 49 40.04 0.67 2.86
N LYS B 50 39.23 0.50 3.93
CA LYS B 50 39.24 -0.64 4.83
C LYS B 50 39.01 -1.99 4.11
N MET B 51 38.09 -2.04 3.12
CA MET B 51 37.75 -3.27 2.36
C MET B 51 38.82 -3.73 1.33
N GLY B 52 39.84 -2.89 1.14
CA GLY B 52 40.96 -3.18 0.25
C GLY B 52 40.72 -2.82 -1.20
N ALA B 53 40.09 -1.66 -1.45
CA ALA B 53 39.76 -1.17 -2.78
C ALA B 53 40.60 0.06 -3.16
N HIS B 54 40.59 0.37 -4.48
CA HIS B 54 41.24 1.51 -5.11
C HIS B 54 40.24 2.68 -5.12
N VAL B 55 40.65 3.90 -4.68
CA VAL B 55 39.69 5.00 -4.64
C VAL B 55 40.21 6.29 -5.26
N VAL B 56 39.31 6.99 -5.98
CA VAL B 56 39.54 8.32 -6.54
C VAL B 56 38.37 9.15 -6.03
N VAL B 57 38.67 10.12 -5.17
CA VAL B 57 37.69 11.00 -4.52
C VAL B 57 37.67 12.39 -5.15
N THR B 58 36.51 13.05 -5.11
CA THR B 58 36.36 14.41 -5.65
C THR B 58 35.40 15.24 -4.82
N ALA B 59 35.60 16.58 -4.89
CA ALA B 59 34.86 17.68 -4.26
C ALA B 59 35.58 18.95 -4.70
N ARG B 60 35.12 20.14 -4.32
CA ARG B 60 35.81 21.38 -4.72
C ARG B 60 37.09 21.68 -3.88
N SER B 61 37.10 21.32 -2.57
CA SER B 61 38.20 21.60 -1.66
C SER B 61 39.37 20.63 -1.72
N LYS B 62 40.48 21.11 -2.29
CA LYS B 62 41.76 20.41 -2.47
C LYS B 62 42.33 19.98 -1.09
N GLU B 63 42.30 20.89 -0.11
CA GLU B 63 42.80 20.68 1.27
C GLU B 63 42.08 19.55 1.98
N THR B 64 40.74 19.57 1.94
CA THR B 64 39.90 18.58 2.59
C THR B 64 40.03 17.21 1.93
N LEU B 65 40.23 17.18 0.60
CA LEU B 65 40.40 15.95 -0.17
C LEU B 65 41.74 15.29 0.14
N GLN B 66 42.80 16.10 0.35
CA GLN B 66 44.15 15.64 0.72
C GLN B 66 44.08 14.84 2.03
N LYS B 67 43.37 15.41 3.03
CA LYS B 67 43.14 14.81 4.35
C LYS B 67 42.43 13.45 4.25
N VAL B 68 41.45 13.33 3.33
CA VAL B 68 40.69 12.10 3.08
C VAL B 68 41.59 11.02 2.47
N VAL B 69 42.37 11.40 1.45
CA VAL B 69 43.32 10.52 0.74
C VAL B 69 44.37 9.92 1.72
N SER B 70 45.02 10.82 2.54
CA SER B 70 46.00 10.48 3.58
C SER B 70 45.44 9.40 4.50
N HIS B 71 44.26 9.69 5.10
CA HIS B 71 43.54 8.79 6.00
C HIS B 71 43.11 7.48 5.31
N CYS B 72 42.71 7.57 4.01
CA CYS B 72 42.29 6.43 3.19
C CYS B 72 43.40 5.40 3.02
N LEU B 73 44.64 5.87 2.74
CA LEU B 73 45.80 5.00 2.58
C LEU B 73 46.15 4.28 3.89
N GLU B 74 46.03 5.01 5.01
CA GLU B 74 46.25 4.54 6.38
C GLU B 74 45.32 3.35 6.71
N LEU B 75 44.05 3.38 6.21
CA LEU B 75 43.02 2.34 6.44
C LEU B 75 43.22 1.06 5.62
N GLY B 76 44.12 1.14 4.63
CA GLY B 76 44.46 0.00 3.78
C GLY B 76 43.87 0.00 2.39
N ALA B 77 43.70 1.22 1.80
CA ALA B 77 43.18 1.41 0.43
C ALA B 77 44.23 0.95 -0.56
N ALA B 78 43.87 0.02 -1.48
CA ALA B 78 44.76 -0.49 -2.51
C ALA B 78 45.49 0.67 -3.20
N SER B 79 44.81 1.83 -3.33
CA SER B 79 45.30 3.11 -3.84
C SER B 79 44.31 4.21 -3.47
N ALA B 80 44.80 5.45 -3.27
CA ALA B 80 43.94 6.59 -2.96
C ALA B 80 44.42 7.83 -3.64
N HIS B 81 43.54 8.48 -4.41
CA HIS B 81 43.83 9.72 -5.15
C HIS B 81 42.65 10.68 -5.10
N TYR B 82 42.92 11.96 -5.36
CA TYR B 82 41.89 12.98 -5.44
C TYR B 82 42.10 13.83 -6.69
N ILE B 83 41.01 14.42 -7.20
CA ILE B 83 40.95 15.39 -8.29
C ILE B 83 39.90 16.38 -7.82
N ALA B 84 40.30 17.64 -7.57
CA ALA B 84 39.41 18.69 -7.10
C ALA B 84 38.82 19.50 -8.26
N GLY B 85 37.57 19.95 -8.08
CA GLY B 85 36.84 20.74 -9.07
C GLY B 85 35.35 20.78 -8.81
N THR B 86 34.65 21.72 -9.51
CA THR B 86 33.21 21.89 -9.38
C THR B 86 32.42 21.09 -10.42
N MET B 87 31.34 20.47 -9.94
CA MET B 87 30.40 19.68 -10.75
C MET B 87 29.37 20.57 -11.48
N GLU B 88 29.56 21.91 -11.40
CA GLU B 88 28.79 22.91 -12.14
C GLU B 88 29.35 22.93 -13.59
N ASP B 89 30.64 22.55 -13.72
CA ASP B 89 31.39 22.49 -14.97
C ASP B 89 31.30 21.08 -15.53
N MET B 90 30.51 20.93 -16.62
CA MET B 90 30.28 19.66 -17.31
C MET B 90 31.56 19.11 -17.97
N THR B 91 32.49 20.02 -18.34
CA THR B 91 33.80 19.67 -18.91
C THR B 91 34.65 19.00 -17.82
N PHE B 92 34.68 19.59 -16.58
CA PHE B 92 35.40 19.01 -15.44
C PHE B 92 34.86 17.62 -15.15
N ALA B 93 33.52 17.47 -15.09
CA ALA B 93 32.83 16.21 -14.81
C ALA B 93 33.25 15.09 -15.78
N GLU B 94 33.26 15.40 -17.09
CA GLU B 94 33.66 14.49 -18.17
C GLU B 94 35.15 14.07 -18.08
N GLN B 95 36.06 15.06 -17.93
CA GLN B 95 37.48 14.72 -17.87
C GLN B 95 37.88 14.10 -16.55
N PHE B 96 37.20 14.47 -15.42
CA PHE B 96 37.47 13.88 -14.11
C PHE B 96 37.44 12.35 -14.20
N VAL B 97 36.42 11.78 -14.85
CA VAL B 97 36.21 10.33 -15.01
C VAL B 97 37.35 9.67 -15.79
N ALA B 98 37.76 10.26 -16.94
CA ALA B 98 38.88 9.75 -17.77
C ALA B 98 40.20 9.79 -16.97
N GLN B 99 40.51 10.95 -16.33
CA GLN B 99 41.65 11.23 -15.46
C GLN B 99 41.70 10.28 -14.24
N ALA B 100 40.53 9.97 -13.68
CA ALA B 100 40.36 9.07 -12.54
C ALA B 100 40.55 7.61 -12.94
N GLY B 101 40.00 7.23 -14.10
CA GLY B 101 40.10 5.89 -14.64
C GLY B 101 41.50 5.55 -15.09
N LYS B 102 42.27 6.59 -15.50
CA LYS B 102 43.68 6.49 -15.91
C LYS B 102 44.52 6.11 -14.67
N LEU B 103 44.22 6.74 -13.51
CA LEU B 103 44.88 6.52 -12.22
C LEU B 103 44.74 5.10 -11.70
N MET B 104 43.56 4.49 -11.86
CA MET B 104 43.27 3.15 -11.36
C MET B 104 43.41 2.04 -12.40
N GLY B 105 43.48 2.42 -13.68
CA GLY B 105 43.56 1.48 -14.78
C GLY B 105 42.21 0.82 -15.01
N GLY B 106 41.15 1.62 -14.89
CA GLY B 106 39.77 1.16 -15.07
C GLY B 106 38.81 1.65 -14.01
N LEU B 107 37.60 1.05 -13.98
CA LEU B 107 36.54 1.39 -13.05
C LEU B 107 35.55 0.25 -12.84
N ASP B 108 35.25 -0.04 -11.58
CA ASP B 108 34.29 -1.06 -11.18
C ASP B 108 33.02 -0.45 -10.59
N MET B 109 33.15 0.67 -9.85
CA MET B 109 32.02 1.32 -9.20
C MET B 109 32.09 2.84 -9.30
N LEU B 110 30.95 3.45 -9.68
CA LEU B 110 30.83 4.91 -9.79
C LEU B 110 29.83 5.37 -8.74
N ILE B 111 30.31 6.06 -7.69
CA ILE B 111 29.43 6.55 -6.61
C ILE B 111 29.19 8.04 -6.80
N LEU B 112 27.95 8.37 -7.15
CA LEU B 112 27.47 9.73 -7.42
C LEU B 112 26.73 10.21 -6.17
N ASN B 113 27.40 11.10 -5.41
CA ASN B 113 27.00 11.55 -4.10
C ASN B 113 26.91 13.06 -3.91
N HIS B 114 27.68 13.86 -4.64
CA HIS B 114 27.67 15.32 -4.46
C HIS B 114 26.32 15.96 -4.76
N ILE B 115 26.07 17.09 -4.10
CA ILE B 115 24.92 17.96 -4.31
C ILE B 115 25.40 19.39 -4.16
N THR B 116 24.64 20.34 -4.69
CA THR B 116 24.96 21.75 -4.51
C THR B 116 24.49 22.16 -3.10
N ASN B 117 25.19 23.12 -2.46
CA ASN B 117 24.80 23.63 -1.14
C ASN B 117 23.33 24.06 -1.12
N THR B 118 22.53 23.41 -0.26
CA THR B 118 21.09 23.66 -0.14
C THR B 118 20.77 23.92 1.33
N SER B 119 19.80 24.82 1.56
CA SER B 119 19.27 25.12 2.88
C SER B 119 17.74 24.97 2.83
N LEU B 120 17.06 24.91 3.98
CA LEU B 120 15.61 24.78 4.02
C LEU B 120 14.96 26.14 3.90
N ASN B 121 14.19 26.36 2.82
CA ASN B 121 13.47 27.63 2.56
C ASN B 121 12.28 27.38 1.68
N LEU B 122 11.23 28.19 1.85
CA LEU B 122 10.05 28.14 0.98
C LEU B 122 10.47 28.64 -0.39
N PHE B 123 9.85 28.11 -1.43
CA PHE B 123 10.15 28.56 -2.78
C PHE B 123 9.36 29.83 -3.11
N HIS B 124 10.06 30.87 -3.60
CA HIS B 124 9.42 32.11 -4.02
C HIS B 124 9.80 32.43 -5.47
N ASP B 125 11.09 32.76 -5.73
CA ASP B 125 11.50 33.12 -7.08
C ASP B 125 12.94 32.75 -7.42
N ASP B 126 13.59 31.90 -6.61
CA ASP B 126 14.98 31.55 -6.86
C ASP B 126 15.11 30.51 -7.95
N ILE B 127 15.03 30.98 -9.22
CA ILE B 127 15.19 30.13 -10.41
C ILE B 127 16.65 29.70 -10.57
N HIS B 128 17.60 30.55 -10.12
CA HIS B 128 19.04 30.26 -10.16
C HIS B 128 19.34 29.02 -9.33
N HIS B 129 18.74 28.89 -8.13
CA HIS B 129 18.89 27.70 -7.28
C HIS B 129 18.18 26.49 -7.88
N VAL B 130 17.03 26.69 -8.58
CA VAL B 130 16.33 25.59 -9.27
C VAL B 130 17.24 25.02 -10.37
N ARG B 131 17.79 25.90 -11.23
CA ARG B 131 18.69 25.54 -12.32
C ARG B 131 20.01 24.91 -11.84
N LYS B 132 20.65 25.50 -10.82
CA LYS B 132 21.91 25.00 -10.25
C LYS B 132 21.71 23.61 -9.62
N SER B 133 20.56 23.40 -8.94
CA SER B 133 20.22 22.10 -8.37
C SER B 133 20.08 21.06 -9.47
N MET B 134 19.41 21.42 -10.60
CA MET B 134 19.26 20.50 -11.73
C MET B 134 20.59 20.20 -12.39
N GLU B 135 21.46 21.22 -12.53
CA GLU B 135 22.79 21.06 -13.15
C GLU B 135 23.73 20.20 -12.29
N VAL B 136 23.93 20.58 -11.01
CA VAL B 136 24.83 19.90 -10.09
C VAL B 136 24.26 18.54 -9.63
N ASN B 137 23.06 18.51 -9.04
CA ASN B 137 22.51 17.27 -8.48
C ASN B 137 22.01 16.26 -9.52
N PHE B 138 21.75 16.70 -10.75
CA PHE B 138 21.21 15.78 -11.73
C PHE B 138 22.03 15.70 -13.03
N LEU B 139 22.21 16.81 -13.73
CA LEU B 139 22.90 16.81 -15.02
C LEU B 139 24.32 16.32 -14.94
N SER B 140 25.09 16.79 -13.93
CA SER B 140 26.48 16.34 -13.74
C SER B 140 26.55 14.82 -13.63
N TYR B 141 25.56 14.19 -12.91
CA TYR B 141 25.43 12.73 -12.70
C TYR B 141 25.29 12.02 -14.04
N VAL B 142 24.51 12.60 -14.98
CA VAL B 142 24.31 12.06 -16.33
C VAL B 142 25.65 12.11 -17.11
N VAL B 143 26.33 13.26 -17.07
CA VAL B 143 27.63 13.51 -17.73
C VAL B 143 28.71 12.51 -17.21
N LEU B 144 28.74 12.28 -15.88
CA LEU B 144 29.65 11.36 -15.20
C LEU B 144 29.39 9.94 -15.65
N THR B 145 28.11 9.55 -15.76
CA THR B 145 27.64 8.23 -16.21
C THR B 145 28.08 7.96 -17.66
N VAL B 146 27.84 8.91 -18.59
CA VAL B 146 28.23 8.81 -20.01
C VAL B 146 29.75 8.57 -20.13
N ALA B 147 30.54 9.37 -19.39
CA ALA B 147 32.01 9.29 -19.33
C ALA B 147 32.53 7.97 -18.74
N ALA B 148 31.80 7.41 -17.75
CA ALA B 148 32.19 6.17 -17.04
C ALA B 148 31.72 4.88 -17.68
N LEU B 149 30.63 4.91 -18.46
CA LEU B 149 30.01 3.72 -19.03
C LEU B 149 30.96 2.81 -19.85
N PRO B 150 31.84 3.29 -20.78
CA PRO B 150 32.73 2.34 -21.47
C PRO B 150 33.55 1.46 -20.51
N MET B 151 34.13 2.08 -19.44
CA MET B 151 34.91 1.37 -18.41
C MET B 151 34.05 0.40 -17.58
N LEU B 152 32.81 0.82 -17.23
CA LEU B 152 31.90 0.00 -16.44
C LEU B 152 31.38 -1.19 -17.22
N LYS B 153 31.29 -1.05 -18.55
CA LYS B 153 30.85 -2.11 -19.46
C LYS B 153 31.93 -3.21 -19.53
N GLN B 154 33.22 -2.79 -19.56
CA GLN B 154 34.38 -3.67 -19.60
C GLN B 154 34.45 -4.52 -18.34
N SER B 155 34.22 -3.88 -17.17
CA SER B 155 34.29 -4.51 -15.84
C SER B 155 32.98 -5.12 -15.37
N ASN B 156 31.86 -4.92 -16.14
CA ASN B 156 30.51 -5.35 -15.72
C ASN B 156 30.21 -4.72 -14.32
N GLY B 157 30.58 -3.44 -14.21
CA GLY B 157 30.51 -2.59 -13.03
C GLY B 157 29.17 -2.13 -12.51
N SER B 158 29.21 -1.13 -11.61
CA SER B 158 28.05 -0.58 -10.91
C SER B 158 28.01 0.93 -10.86
N ILE B 159 26.77 1.47 -10.97
CA ILE B 159 26.52 2.89 -10.76
C ILE B 159 25.71 2.97 -9.47
N VAL B 160 26.16 3.80 -8.54
CA VAL B 160 25.51 4.04 -7.24
C VAL B 160 25.09 5.52 -7.20
N VAL B 161 23.78 5.75 -7.11
CA VAL B 161 23.17 7.07 -7.11
C VAL B 161 22.63 7.40 -5.71
N VAL B 162 23.22 8.42 -5.08
CA VAL B 162 22.75 8.82 -3.76
C VAL B 162 21.57 9.79 -3.91
N SER B 163 20.40 9.31 -3.52
CA SER B 163 19.17 10.11 -3.54
C SER B 163 18.69 10.35 -2.10
N SER B 164 17.40 10.59 -1.91
CA SER B 164 16.81 10.92 -0.62
C SER B 164 15.34 10.48 -0.62
N LEU B 165 14.70 10.47 0.59
CA LEU B 165 13.27 10.23 0.79
C LEU B 165 12.53 11.33 0.02
N ALA B 166 13.15 12.54 -0.06
CA ALA B 166 12.69 13.71 -0.80
C ALA B 166 12.77 13.49 -2.33
N GLY B 167 13.33 12.36 -2.76
CA GLY B 167 13.38 11.91 -4.15
C GLY B 167 12.38 10.80 -4.40
N LYS B 168 11.49 10.53 -3.42
CA LYS B 168 10.44 9.50 -3.48
C LYS B 168 9.08 10.04 -3.05
N VAL B 169 9.08 10.93 -2.05
CA VAL B 169 7.89 11.59 -1.52
C VAL B 169 8.14 13.11 -1.47
N ALA B 170 7.06 13.90 -1.38
CA ALA B 170 7.13 15.36 -1.35
C ALA B 170 7.39 15.87 0.05
N TYR B 171 8.20 16.91 0.13
CA TYR B 171 8.55 17.59 1.38
C TYR B 171 8.49 19.08 1.12
N PRO B 172 7.99 19.91 2.06
CA PRO B 172 8.09 21.37 1.87
C PRO B 172 9.52 21.83 2.13
N MET B 173 9.87 23.07 1.71
CA MET B 173 11.16 23.77 1.92
C MET B 173 12.35 23.24 1.10
N VAL B 174 12.10 22.27 0.21
CA VAL B 174 13.15 21.65 -0.61
C VAL B 174 12.68 21.40 -2.06
N ALA B 175 11.85 22.27 -2.65
CA ALA B 175 11.28 22.11 -4.01
C ALA B 175 12.31 21.84 -5.10
N ALA B 176 13.37 22.68 -5.24
CA ALA B 176 14.44 22.54 -6.25
C ALA B 176 15.24 21.26 -6.03
N TYR B 177 15.61 21.01 -4.76
CA TYR B 177 16.35 19.82 -4.33
C TYR B 177 15.58 18.53 -4.65
N SER B 178 14.32 18.49 -4.25
CA SER B 178 13.39 17.37 -4.44
C SER B 178 13.19 17.11 -5.95
N ALA B 179 13.04 18.18 -6.75
CA ALA B 179 12.90 18.06 -8.21
C ALA B 179 14.11 17.35 -8.80
N SER B 180 15.33 17.71 -8.35
CA SER B 180 16.58 17.11 -8.85
C SER B 180 16.74 15.66 -8.44
N LYS B 181 16.21 15.28 -7.24
CA LYS B 181 16.28 13.90 -6.73
C LYS B 181 15.24 12.99 -7.39
N PHE B 182 14.04 13.54 -7.66
CA PHE B 182 13.00 12.83 -8.43
C PHE B 182 13.51 12.59 -9.85
N ALA B 183 14.18 13.59 -10.48
CA ALA B 183 14.77 13.48 -11.83
C ALA B 183 15.76 12.33 -11.90
N LEU B 184 16.58 12.14 -10.85
CA LEU B 184 17.53 11.01 -10.76
C LEU B 184 16.82 9.68 -10.88
N ASP B 185 15.67 9.54 -10.20
CA ASP B 185 14.85 8.33 -10.23
C ASP B 185 14.30 8.10 -11.66
N GLY B 186 13.72 9.12 -12.25
CA GLY B 186 13.22 9.03 -13.62
C GLY B 186 14.28 8.62 -14.63
N PHE B 187 15.44 9.27 -14.59
CA PHE B 187 16.52 8.99 -15.50
C PHE B 187 17.15 7.61 -15.31
N PHE B 188 17.69 7.36 -14.12
CA PHE B 188 18.41 6.13 -13.83
C PHE B 188 17.55 4.87 -13.81
N SER B 189 16.25 5.00 -13.48
CA SER B 189 15.36 3.85 -13.49
C SER B 189 14.99 3.50 -14.93
N SER B 190 14.96 4.51 -15.82
CA SER B 190 14.67 4.33 -17.23
C SER B 190 15.85 3.63 -17.96
N ILE B 191 17.10 4.10 -17.74
CA ILE B 191 18.31 3.52 -18.34
C ILE B 191 18.56 2.12 -17.77
N ARG B 192 18.12 1.84 -16.52
CA ARG B 192 18.27 0.50 -15.95
C ARG B 192 17.48 -0.50 -16.78
N LYS B 193 16.27 -0.10 -17.21
CA LYS B 193 15.39 -0.89 -18.06
C LYS B 193 15.95 -1.05 -19.47
N GLU B 194 16.65 -0.03 -19.96
CA GLU B 194 17.31 -0.07 -21.26
C GLU B 194 18.51 -1.03 -21.21
N TYR B 195 19.31 -0.98 -20.12
CA TYR B 195 20.47 -1.85 -19.92
C TYR B 195 20.05 -3.32 -19.84
N SER B 196 18.86 -3.58 -19.25
CA SER B 196 18.29 -4.91 -19.13
C SER B 196 18.02 -5.53 -20.51
N VAL B 197 17.38 -4.77 -21.42
CA VAL B 197 17.02 -5.24 -22.76
C VAL B 197 18.20 -5.21 -23.76
N SER B 198 19.20 -4.33 -23.52
CA SER B 198 20.41 -4.20 -24.35
C SER B 198 21.51 -5.13 -23.84
N ARG B 199 21.23 -5.86 -22.76
CA ARG B 199 22.15 -6.77 -22.06
C ARG B 199 23.48 -6.08 -21.73
N VAL B 200 23.38 -4.88 -21.12
CA VAL B 200 24.51 -4.07 -20.61
C VAL B 200 24.59 -4.50 -19.14
N ASN B 201 25.67 -5.18 -18.74
CA ASN B 201 25.79 -5.68 -17.37
C ASN B 201 26.38 -4.65 -16.42
N VAL B 202 25.75 -3.47 -16.37
CA VAL B 202 26.09 -2.38 -15.45
C VAL B 202 24.85 -2.21 -14.56
N SER B 203 24.99 -2.48 -13.25
CA SER B 203 23.89 -2.36 -12.30
C SER B 203 23.72 -0.90 -11.90
N ILE B 204 22.50 -0.54 -11.49
CA ILE B 204 22.18 0.83 -11.04
C ILE B 204 21.49 0.76 -9.68
N THR B 205 22.13 1.32 -8.64
CA THR B 205 21.58 1.37 -7.28
C THR B 205 21.17 2.81 -6.90
N LEU B 206 19.87 3.01 -6.64
CA LEU B 206 19.33 4.30 -6.20
C LEU B 206 19.16 4.17 -4.68
N CYS B 207 19.87 5.02 -3.93
CA CYS B 207 19.88 5.02 -2.48
C CYS B 207 18.96 6.11 -1.94
N VAL B 208 17.89 5.72 -1.28
CA VAL B 208 16.83 6.57 -0.72
C VAL B 208 17.13 6.73 0.76
N LEU B 209 17.67 7.89 1.13
CA LEU B 209 18.08 8.16 2.51
C LEU B 209 17.19 9.13 3.24
N GLY B 210 17.07 8.90 4.55
CA GLY B 210 16.38 9.83 5.43
C GLY B 210 17.40 10.79 6.01
N LEU B 211 17.07 11.43 7.14
CA LEU B 211 18.01 12.32 7.80
C LEU B 211 19.28 11.58 8.30
N ILE B 212 20.45 12.13 7.96
CA ILE B 212 21.76 11.56 8.29
C ILE B 212 22.51 12.61 9.11
N ASP B 213 23.20 12.19 10.20
CA ASP B 213 23.88 13.09 11.12
C ASP B 213 25.16 13.77 10.56
N THR B 214 25.11 14.29 9.33
CA THR B 214 26.26 15.01 8.79
C THR B 214 26.17 16.43 9.31
N GLU B 215 27.33 17.10 9.46
CA GLU B 215 27.46 18.50 9.92
C GLU B 215 26.52 19.44 9.15
N THR B 216 26.50 19.30 7.80
CA THR B 216 25.68 20.11 6.89
C THR B 216 24.20 19.93 7.21
N ALA B 217 23.70 18.68 7.26
CA ALA B 217 22.29 18.39 7.58
C ALA B 217 21.88 18.89 8.96
N MET B 218 22.72 18.68 9.97
CA MET B 218 22.43 19.10 11.36
C MET B 218 22.34 20.61 11.48
N LYS B 219 23.22 21.35 10.79
CA LYS B 219 23.17 22.81 10.75
C LYS B 219 21.96 23.30 9.97
N ALA B 220 21.65 22.66 8.84
CA ALA B 220 20.52 23.03 7.98
C ALA B 220 19.12 22.85 8.64
N VAL B 221 18.95 21.78 9.45
CA VAL B 221 17.66 21.47 10.08
C VAL B 221 17.46 22.22 11.40
N SER B 222 18.56 22.70 12.01
CA SER B 222 18.61 23.38 13.29
C SER B 222 17.54 24.43 13.47
N GLY B 223 16.63 24.17 14.40
CA GLY B 223 15.50 25.04 14.76
C GLY B 223 14.35 25.08 13.77
N ILE B 224 14.43 24.31 12.67
CA ILE B 224 13.40 24.28 11.61
C ILE B 224 12.72 22.90 11.62
N VAL B 225 13.52 21.84 11.51
CA VAL B 225 13.06 20.45 11.47
C VAL B 225 13.68 19.67 12.65
N HIS B 226 12.78 19.01 13.41
CA HIS B 226 12.98 18.19 14.61
C HIS B 226 12.65 16.73 14.24
N MET B 227 13.68 16.02 13.87
CA MET B 227 13.61 14.66 13.35
C MET B 227 14.87 13.92 13.80
N GLN B 228 14.72 12.60 13.98
CA GLN B 228 15.79 11.68 14.35
C GLN B 228 16.74 11.50 13.14
N ALA B 229 18.06 11.69 13.38
CA ALA B 229 19.12 11.56 12.39
C ALA B 229 19.84 10.24 12.58
N ALA B 230 20.05 9.50 11.48
CA ALA B 230 20.73 8.21 11.49
C ALA B 230 22.26 8.40 11.33
N PRO B 231 23.10 7.46 11.84
CA PRO B 231 24.57 7.66 11.73
C PRO B 231 25.16 7.54 10.31
N LYS B 232 25.99 8.51 9.93
CA LYS B 232 26.66 8.64 8.63
C LYS B 232 27.58 7.44 8.26
N GLU B 233 28.17 6.79 9.28
CA GLU B 233 29.08 5.64 9.14
C GLU B 233 28.31 4.44 8.58
N GLU B 234 27.22 4.06 9.27
CA GLU B 234 26.36 2.95 8.90
C GLU B 234 25.67 3.22 7.56
N CYS B 235 25.27 4.48 7.31
CA CYS B 235 24.64 4.91 6.07
C CYS B 235 25.57 4.61 4.89
N ALA B 236 26.82 5.09 4.99
CA ALA B 236 27.90 4.92 4.01
C ALA B 236 28.09 3.48 3.64
N LEU B 237 28.05 2.57 4.63
CA LEU B 237 28.24 1.13 4.47
C LEU B 237 27.07 0.49 3.74
N GLU B 238 25.84 0.85 4.17
CA GLU B 238 24.60 0.34 3.56
C GLU B 238 24.52 0.71 2.08
N ILE B 239 25.08 1.88 1.70
CA ILE B 239 25.15 2.37 0.32
C ILE B 239 26.06 1.44 -0.51
N ILE B 240 27.29 1.17 0.01
CA ILE B 240 28.30 0.29 -0.59
C ILE B 240 27.77 -1.14 -0.69
N LYS B 241 27.05 -1.61 0.35
CA LYS B 241 26.46 -2.95 0.39
C LYS B 241 25.50 -3.19 -0.79
N GLY B 242 24.56 -2.26 -0.99
CA GLY B 242 23.59 -2.33 -2.07
C GLY B 242 24.23 -2.29 -3.44
N GLY B 243 25.27 -1.48 -3.58
CA GLY B 243 26.07 -1.35 -4.80
C GLY B 243 26.73 -2.66 -5.16
N ALA B 244 27.49 -3.23 -4.18
CA ALA B 244 28.18 -4.54 -4.30
C ALA B 244 27.20 -5.67 -4.60
N LEU B 245 26.03 -5.69 -3.91
CA LEU B 245 24.99 -6.71 -4.11
C LEU B 245 24.15 -6.47 -5.35
N ARG B 246 24.39 -5.34 -6.05
CA ARG B 246 23.73 -4.94 -7.30
C ARG B 246 22.20 -4.77 -7.12
N GLN B 247 21.78 -4.27 -5.94
CA GLN B 247 20.37 -4.02 -5.63
C GLN B 247 19.93 -2.78 -6.41
N GLU B 248 18.69 -2.79 -6.89
CA GLU B 248 18.12 -1.68 -7.64
C GLU B 248 17.96 -0.44 -6.75
N GLU B 249 17.46 -0.67 -5.52
CA GLU B 249 17.23 0.39 -4.55
C GLU B 249 17.65 -0.02 -3.15
N VAL B 250 18.21 0.96 -2.41
CA VAL B 250 18.64 0.85 -1.02
C VAL B 250 17.87 1.91 -0.23
N TYR B 251 17.27 1.50 0.90
CA TYR B 251 16.53 2.40 1.77
C TYR B 251 17.20 2.45 3.13
N TYR B 252 17.46 3.67 3.62
CA TYR B 252 18.11 3.85 4.89
C TYR B 252 17.55 5.06 5.63
N ASP B 253 16.84 4.80 6.74
CA ASP B 253 16.22 5.79 7.62
C ASP B 253 16.10 5.27 9.06
N SER B 254 16.05 6.18 10.01
CA SER B 254 15.89 5.90 11.46
C SER B 254 14.53 5.28 11.77
N SER B 255 13.47 5.74 11.09
CA SER B 255 12.10 5.29 11.34
C SER B 255 11.80 3.92 10.80
N ARG B 256 11.20 3.07 11.66
CA ARG B 256 10.78 1.71 11.32
C ARG B 256 9.60 1.78 10.35
N TRP B 257 8.74 2.81 10.51
CA TRP B 257 7.55 3.07 9.71
C TRP B 257 7.91 3.41 8.26
N THR B 258 9.01 4.18 8.07
CA THR B 258 9.56 4.57 6.78
C THR B 258 9.97 3.36 5.96
N THR B 259 10.79 2.48 6.55
CA THR B 259 11.27 1.25 5.92
C THR B 259 10.12 0.36 5.45
N LEU B 260 9.04 0.31 6.25
CA LEU B 260 7.84 -0.45 5.94
C LEU B 260 6.99 0.11 4.81
N LEU B 261 6.90 1.45 4.69
CA LEU B 261 6.03 2.12 3.72
C LEU B 261 6.69 2.68 2.46
N ILE B 262 8.02 2.91 2.48
CA ILE B 262 8.78 3.53 1.40
C ILE B 262 8.70 2.75 0.07
N ARG B 263 8.76 1.41 0.13
CA ARG B 263 8.68 0.56 -1.06
C ARG B 263 7.34 0.72 -1.79
N ASN B 264 7.38 0.72 -3.13
CA ASN B 264 6.18 0.90 -3.94
C ASN B 264 5.96 -0.37 -4.77
N PRO B 265 5.25 -1.39 -4.20
CA PRO B 265 5.03 -2.65 -4.93
C PRO B 265 4.24 -2.48 -6.22
N CYS B 266 3.26 -1.54 -6.24
CA CYS B 266 2.40 -1.25 -7.39
C CYS B 266 3.18 -0.70 -8.57
N ARG B 267 4.30 0.04 -8.29
CA ARG B 267 5.21 0.56 -9.30
C ARG B 267 5.93 -0.61 -9.97
N LYS B 268 6.45 -1.54 -9.15
CA LYS B 268 7.14 -2.73 -9.63
C LYS B 268 6.22 -3.57 -10.51
N ILE B 269 4.93 -3.70 -10.12
CA ILE B 269 3.91 -4.45 -10.85
C ILE B 269 3.62 -3.78 -12.20
N LEU B 270 3.32 -2.44 -12.22
CA LEU B 270 3.06 -1.66 -13.44
C LEU B 270 4.22 -1.74 -14.43
N GLU B 271 5.46 -1.67 -13.91
CA GLU B 271 6.69 -1.74 -14.69
C GLU B 271 6.90 -3.11 -15.34
N GLU B 272 6.37 -4.18 -14.71
CA GLU B 272 6.46 -5.55 -15.20
C GLU B 272 5.45 -5.76 -16.34
N LEU B 273 4.23 -5.23 -16.20
CA LEU B 273 3.15 -5.34 -17.17
C LEU B 273 3.46 -4.85 -18.62
N TYR B 274 4.55 -4.11 -18.82
CA TYR B 274 4.87 -3.60 -20.15
C TYR B 274 6.07 -4.31 -20.82
N SER B 275 6.58 -5.40 -20.21
CA SER B 275 7.64 -6.23 -20.81
C SER B 275 7.08 -6.68 -22.17
N THR B 276 5.75 -6.87 -22.18
CA THR B 276 4.89 -7.22 -23.31
C THR B 276 4.27 -5.89 -23.86
N SER B 277 5.14 -5.06 -24.53
CA SER B 277 4.94 -3.74 -25.19
C SER B 277 6.35 -3.19 -25.58
N TYR B 278 7.16 -3.99 -26.31
CA TYR B 278 8.54 -3.62 -26.70
C TYR B 278 9.05 -4.46 -27.89
N ASN B 279 9.38 -3.78 -29.02
CA ASN B 279 9.89 -4.39 -30.27
C ASN B 279 11.43 -4.27 -30.40
N MET B 280 12.02 -5.00 -31.37
CA MET B 280 13.47 -4.96 -31.64
C MET B 280 13.82 -3.85 -32.64
N ALA C 5 -50.89 10.01 0.08
CA ALA C 5 -50.34 8.67 0.38
C ALA C 5 -50.28 7.77 -0.88
N SER C 6 -51.46 7.43 -1.46
CA SER C 6 -51.64 6.61 -2.67
C SER C 6 -51.31 7.43 -3.95
N MET C 7 -51.59 8.75 -3.86
CA MET C 7 -51.37 9.78 -4.88
C MET C 7 -49.92 10.30 -4.81
N THR C 8 -49.10 9.72 -3.91
CA THR C 8 -47.70 10.07 -3.72
C THR C 8 -46.78 8.98 -4.32
N GLY C 9 -45.59 9.38 -4.74
CA GLY C 9 -44.56 8.52 -5.30
C GLY C 9 -43.25 9.25 -5.49
N GLY C 10 -42.21 8.51 -5.81
CA GLY C 10 -40.88 9.08 -6.04
C GLY C 10 -39.77 8.41 -5.25
N GLN C 11 -38.54 8.96 -5.37
CA GLN C 11 -37.31 8.46 -4.75
C GLN C 11 -36.46 9.59 -4.15
N GLN C 12 -35.88 9.35 -2.96
CA GLN C 12 -34.99 10.28 -2.26
C GLN C 12 -33.57 10.18 -2.82
N MET C 13 -33.26 9.05 -3.47
CA MET C 13 -31.92 8.77 -4.03
C MET C 13 -31.82 9.16 -5.50
N GLY C 14 -30.96 10.15 -5.77
CA GLY C 14 -30.69 10.65 -7.11
C GLY C 14 -29.23 10.96 -7.30
N ARG C 15 -28.90 12.12 -7.92
CA ARG C 15 -27.51 12.55 -8.12
C ARG C 15 -26.95 13.04 -6.76
N GLY C 16 -25.80 12.47 -6.36
CA GLY C 16 -25.14 12.78 -5.10
C GLY C 16 -25.74 12.05 -3.89
N SER C 17 -26.43 10.93 -4.15
CA SER C 17 -27.07 10.07 -3.14
C SER C 17 -26.09 9.01 -2.60
N ASN C 18 -24.93 8.83 -3.27
CA ASN C 18 -23.86 7.92 -2.85
C ASN C 18 -22.77 8.80 -2.23
N GLU C 19 -22.90 10.13 -2.46
CA GLU C 19 -22.00 11.17 -2.00
C GLU C 19 -22.47 11.89 -0.73
N GLU C 20 -23.63 12.60 -0.78
CA GLU C 20 -24.10 13.40 0.36
C GLU C 20 -25.32 12.84 1.05
N PHE C 21 -25.20 12.65 2.38
CA PHE C 21 -26.25 12.11 3.21
C PHE C 21 -27.32 13.15 3.52
N ARG C 22 -28.56 12.66 3.72
CA ARG C 22 -29.68 13.47 4.17
C ARG C 22 -30.56 12.65 5.11
N PRO C 23 -31.03 13.18 6.26
CA PRO C 23 -31.89 12.36 7.15
C PRO C 23 -33.21 11.86 6.50
N GLU C 24 -33.63 12.53 5.41
CA GLU C 24 -34.83 12.24 4.63
C GLU C 24 -34.69 10.92 3.87
N MET C 25 -33.43 10.47 3.64
CA MET C 25 -33.10 9.21 2.98
C MET C 25 -33.66 7.97 3.75
N LEU C 26 -33.93 8.14 5.05
CA LEU C 26 -34.41 7.10 5.94
C LEU C 26 -35.87 7.24 6.26
N GLN C 27 -36.50 8.35 5.82
CA GLN C 27 -37.93 8.62 5.98
C GLN C 27 -38.76 7.50 5.29
N GLY C 28 -39.57 6.81 6.10
CA GLY C 28 -40.41 5.67 5.71
C GLY C 28 -39.68 4.35 5.46
N LYS C 29 -38.34 4.30 5.72
CA LYS C 29 -37.56 3.08 5.52
C LYS C 29 -37.81 2.10 6.63
N LYS C 30 -37.82 0.80 6.30
CA LYS C 30 -38.10 -0.28 7.24
C LYS C 30 -36.78 -0.84 7.75
N VAL C 31 -36.45 -0.50 9.00
CA VAL C 31 -35.15 -0.81 9.61
C VAL C 31 -35.26 -1.73 10.83
N ILE C 32 -34.32 -2.71 10.90
CA ILE C 32 -34.11 -3.60 12.04
C ILE C 32 -32.82 -3.10 12.71
N VAL C 33 -32.83 -2.95 14.05
CA VAL C 33 -31.64 -2.61 14.81
C VAL C 33 -31.54 -3.66 15.89
N THR C 34 -30.43 -4.44 15.88
CA THR C 34 -30.20 -5.46 16.92
C THR C 34 -29.38 -4.81 18.02
N GLY C 35 -29.40 -5.40 19.23
CA GLY C 35 -28.69 -4.87 20.39
C GLY C 35 -28.97 -3.39 20.55
N ALA C 36 -30.28 -3.04 20.53
CA ALA C 36 -30.78 -1.66 20.52
C ALA C 36 -31.46 -1.18 21.81
N SER C 37 -31.25 -1.89 22.93
CA SER C 37 -31.82 -1.50 24.22
C SER C 37 -30.95 -0.44 24.91
N LYS C 38 -29.64 -0.35 24.49
CA LYS C 38 -28.65 0.58 25.03
C LYS C 38 -27.49 0.84 24.06
N GLY C 39 -26.59 1.75 24.45
CA GLY C 39 -25.39 2.12 23.70
C GLY C 39 -25.61 2.63 22.30
N ILE C 40 -24.76 2.19 21.34
CA ILE C 40 -24.80 2.58 19.93
C ILE C 40 -26.10 2.17 19.26
N GLY C 41 -26.59 0.97 19.60
CA GLY C 41 -27.84 0.42 19.08
C GLY C 41 -29.05 1.29 19.35
N ARG C 42 -29.20 1.73 20.63
CA ARG C 42 -30.27 2.63 21.09
C ARG C 42 -30.12 4.01 20.43
N GLU C 43 -28.89 4.51 20.28
CA GLU C 43 -28.61 5.80 19.64
C GLU C 43 -28.99 5.75 18.16
N MET C 44 -28.79 4.58 17.49
CA MET C 44 -29.18 4.38 16.10
C MET C 44 -30.70 4.38 15.96
N ALA C 45 -31.41 3.65 16.85
CA ALA C 45 -32.86 3.58 16.88
C ALA C 45 -33.45 5.01 16.96
N TYR C 46 -32.90 5.84 17.86
CA TYR C 46 -33.27 7.22 18.12
C TYR C 46 -33.07 8.15 16.92
N HIS C 47 -31.93 8.04 16.21
CA HIS C 47 -31.65 8.84 15.02
C HIS C 47 -32.64 8.47 13.94
N LEU C 48 -32.95 7.16 13.82
CA LEU C 48 -33.89 6.66 12.83
C LEU C 48 -35.30 7.16 13.10
N ALA C 49 -35.70 7.20 14.38
CA ALA C 49 -36.98 7.71 14.85
C ALA C 49 -37.16 9.16 14.36
N LYS C 50 -36.16 10.03 14.67
CA LYS C 50 -36.10 11.43 14.25
C LYS C 50 -36.20 11.54 12.71
N MET C 51 -35.58 10.60 11.97
CA MET C 51 -35.61 10.52 10.49
C MET C 51 -36.96 10.06 9.94
N GLY C 52 -37.83 9.54 10.81
CA GLY C 52 -39.16 9.08 10.43
C GLY C 52 -39.18 7.74 9.75
N ALA C 53 -38.23 6.86 10.12
CA ALA C 53 -38.18 5.50 9.61
C ALA C 53 -39.12 4.62 10.46
N HIS C 54 -39.45 3.44 9.97
CA HIS C 54 -40.19 2.42 10.71
C HIS C 54 -39.08 1.62 11.36
N VAL C 55 -39.19 1.32 12.65
CA VAL C 55 -38.15 0.56 13.35
C VAL C 55 -38.72 -0.65 14.11
N VAL C 56 -37.94 -1.74 14.08
CA VAL C 56 -38.14 -2.94 14.88
C VAL C 56 -36.80 -3.15 15.60
N VAL C 57 -36.82 -2.97 16.94
CA VAL C 57 -35.65 -3.09 17.81
C VAL C 57 -35.66 -4.41 18.56
N THR C 58 -34.46 -4.93 18.86
CA THR C 58 -34.32 -6.17 19.61
C THR C 58 -33.13 -6.11 20.55
N ALA C 59 -33.20 -6.94 21.64
CA ALA C 59 -32.25 -7.19 22.74
C ALA C 59 -32.95 -8.17 23.65
N ARG C 60 -32.32 -8.64 24.70
CA ARG C 60 -32.97 -9.61 25.59
C ARG C 60 -34.02 -8.98 26.52
N SER C 61 -33.75 -7.76 27.02
CA SER C 61 -34.58 -7.03 27.99
C SER C 61 -35.80 -6.35 27.39
N LYS C 62 -36.95 -6.93 27.69
CA LYS C 62 -38.30 -6.50 27.33
C LYS C 62 -38.57 -5.09 27.86
N GLU C 63 -38.24 -4.83 29.14
CA GLU C 63 -38.43 -3.55 29.85
C GLU C 63 -37.66 -2.41 29.20
N THR C 64 -36.37 -2.63 28.92
CA THR C 64 -35.48 -1.64 28.30
C THR C 64 -35.89 -1.32 26.87
N LEU C 65 -36.38 -2.34 26.13
CA LEU C 65 -36.84 -2.21 24.75
C LEU C 65 -38.11 -1.39 24.68
N GLN C 66 -39.03 -1.56 25.66
CA GLN C 66 -40.30 -0.83 25.78
C GLN C 66 -40.01 0.67 25.86
N LYS C 67 -39.04 1.05 26.71
CA LYS C 67 -38.60 2.41 26.95
C LYS C 67 -38.06 3.04 25.66
N VAL C 68 -37.34 2.24 24.86
CA VAL C 68 -36.75 2.70 23.59
C VAL C 68 -37.85 2.92 22.55
N VAL C 69 -38.78 1.99 22.44
CA VAL C 69 -39.91 2.06 21.50
C VAL C 69 -40.71 3.35 21.75
N SER C 70 -41.07 3.64 23.02
CA SER C 70 -41.85 4.82 23.39
C SER C 70 -41.15 6.12 23.03
N HIS C 71 -39.83 6.20 23.30
CA HIS C 71 -39.05 7.38 22.95
C HIS C 71 -38.90 7.51 21.42
N CYS C 72 -38.81 6.37 20.69
CA CYS C 72 -38.77 6.34 19.21
C CYS C 72 -40.07 6.96 18.66
N LEU C 73 -41.23 6.59 19.23
CA LEU C 73 -42.51 7.14 18.78
C LEU C 73 -42.61 8.63 19.06
N GLU C 74 -42.14 9.03 20.23
CA GLU C 74 -42.09 10.41 20.70
C GLU C 74 -41.17 11.29 19.82
N LEU C 75 -40.05 10.73 19.28
CA LEU C 75 -39.09 11.41 18.38
C LEU C 75 -39.58 11.52 16.93
N GLY C 76 -40.68 10.83 16.61
CA GLY C 76 -41.27 10.88 15.29
C GLY C 76 -41.05 9.68 14.39
N ALA C 77 -40.83 8.48 14.99
CA ALA C 77 -40.68 7.27 14.19
C ALA C 77 -42.03 7.02 13.49
N ALA C 78 -42.00 6.54 12.22
CA ALA C 78 -43.22 6.22 11.44
C ALA C 78 -43.99 5.11 12.16
N SER C 79 -43.24 4.17 12.74
CA SER C 79 -43.73 3.09 13.61
C SER C 79 -42.53 2.60 14.41
N ALA C 80 -42.80 2.05 15.60
CA ALA C 80 -41.76 1.50 16.46
C ALA C 80 -42.30 0.28 17.17
N HIS C 81 -41.53 -0.82 17.05
CA HIS C 81 -41.87 -2.10 17.68
C HIS C 81 -40.63 -2.76 18.24
N TYR C 82 -40.82 -3.67 19.18
CA TYR C 82 -39.76 -4.48 19.73
C TYR C 82 -40.18 -5.94 19.76
N ILE C 83 -39.20 -6.83 19.73
CA ILE C 83 -39.31 -8.29 19.88
C ILE C 83 -38.07 -8.62 20.71
N ALA C 84 -38.29 -9.12 21.93
CA ALA C 84 -37.23 -9.48 22.87
C ALA C 84 -36.84 -10.94 22.74
N GLY C 85 -35.56 -11.20 22.95
CA GLY C 85 -35.00 -12.53 22.89
C GLY C 85 -33.48 -12.54 22.75
N THR C 86 -32.89 -13.70 22.97
CA THR C 86 -31.45 -13.91 22.89
C THR C 86 -31.00 -14.37 21.52
N MET C 87 -29.90 -13.77 21.05
CA MET C 87 -29.23 -14.09 19.80
C MET C 87 -28.32 -15.33 19.92
N GLU C 88 -28.37 -16.01 21.09
CA GLU C 88 -27.69 -17.29 21.34
C GLU C 88 -28.57 -18.38 20.65
N ASP C 89 -29.89 -18.13 20.54
CA ASP C 89 -30.90 -18.98 19.94
C ASP C 89 -31.06 -18.61 18.46
N MET C 90 -30.56 -19.46 17.59
CA MET C 90 -30.60 -19.32 16.13
C MET C 90 -32.03 -19.36 15.57
N THR C 91 -32.94 -20.06 16.28
CA THR C 91 -34.36 -20.14 15.94
C THR C 91 -35.01 -18.77 16.20
N PHE C 92 -34.71 -18.12 17.36
CA PHE C 92 -35.21 -16.79 17.66
C PHE C 92 -34.73 -15.80 16.60
N ALA C 93 -33.43 -15.84 16.25
CA ALA C 93 -32.81 -14.97 15.23
C ALA C 93 -33.53 -15.05 13.88
N GLU C 94 -33.79 -16.28 13.40
CA GLU C 94 -34.50 -16.57 12.14
C GLU C 94 -35.95 -16.07 12.15
N GLN C 95 -36.70 -16.40 13.21
CA GLN C 95 -38.10 -16.02 13.39
C GLN C 95 -38.30 -14.56 13.66
N PHE C 96 -37.34 -13.91 14.36
CA PHE C 96 -37.38 -12.48 14.66
C PHE C 96 -37.51 -11.66 13.36
N VAL C 97 -36.69 -11.96 12.35
CA VAL C 97 -36.66 -11.30 11.03
C VAL C 97 -38.01 -11.41 10.30
N ALA C 98 -38.61 -12.62 10.25
CA ALA C 98 -39.93 -12.80 9.62
C ALA C 98 -40.97 -11.89 10.33
N GLN C 99 -40.97 -11.92 11.69
CA GLN C 99 -41.88 -11.16 12.56
C GLN C 99 -41.68 -9.65 12.42
N ALA C 100 -40.42 -9.19 12.36
CA ALA C 100 -40.08 -7.79 12.16
C ALA C 100 -40.53 -7.34 10.76
N GLY C 101 -40.34 -8.19 9.76
CA GLY C 101 -40.80 -7.95 8.39
C GLY C 101 -42.31 -7.87 8.27
N LYS C 102 -43.06 -8.76 8.97
CA LYS C 102 -44.54 -8.76 9.00
C LYS C 102 -45.05 -7.45 9.60
N LEU C 103 -44.41 -6.99 10.71
CA LEU C 103 -44.74 -5.74 11.41
C LEU C 103 -44.59 -4.48 10.54
N MET C 104 -43.55 -4.44 9.70
CA MET C 104 -43.28 -3.28 8.86
C MET C 104 -43.75 -3.42 7.42
N GLY C 105 -44.07 -4.64 7.02
CA GLY C 105 -44.48 -4.93 5.64
C GLY C 105 -43.28 -4.92 4.71
N GLY C 106 -42.16 -5.44 5.18
CA GLY C 106 -40.91 -5.49 4.41
C GLY C 106 -39.69 -5.05 5.20
N LEU C 107 -38.57 -4.85 4.50
CA LEU C 107 -37.30 -4.46 5.11
C LEU C 107 -36.39 -3.76 4.13
N ASP C 108 -35.84 -2.61 4.56
CA ASP C 108 -34.91 -1.82 3.75
C ASP C 108 -33.49 -1.89 4.30
N MET C 109 -33.36 -1.92 5.64
CA MET C 109 -32.05 -1.93 6.28
C MET C 109 -31.99 -2.89 7.45
N LEU C 110 -30.93 -3.71 7.49
CA LEU C 110 -30.69 -4.67 8.57
C LEU C 110 -29.42 -4.23 9.31
N ILE C 111 -29.59 -3.72 10.56
CA ILE C 111 -28.45 -3.26 11.36
C ILE C 111 -28.11 -4.31 12.42
N LEU C 112 -26.95 -4.96 12.23
CA LEU C 112 -26.45 -6.03 13.06
C LEU C 112 -25.41 -5.43 13.98
N ASN C 113 -25.80 -5.25 15.24
CA ASN C 113 -25.04 -4.52 16.23
C ASN C 113 -24.76 -5.27 17.55
N HIS C 114 -25.65 -6.18 17.98
CA HIS C 114 -25.47 -6.91 19.24
C HIS C 114 -24.16 -7.72 19.32
N ILE C 115 -23.69 -7.92 20.56
CA ILE C 115 -22.54 -8.75 20.89
C ILE C 115 -22.91 -9.42 22.19
N THR C 116 -22.17 -10.46 22.56
CA THR C 116 -22.38 -11.11 23.86
C THR C 116 -21.57 -10.26 24.87
N ASN C 117 -22.02 -10.20 26.13
CA ASN C 117 -21.31 -9.46 27.19
C ASN C 117 -19.83 -9.91 27.27
N THR C 118 -18.92 -8.98 27.07
CA THR C 118 -17.48 -9.23 27.04
C THR C 118 -16.84 -8.27 28.02
N SER C 119 -15.77 -8.70 28.67
CA SER C 119 -14.95 -7.87 29.54
C SER C 119 -13.49 -8.04 29.09
N LEU C 120 -12.57 -7.15 29.53
CA LEU C 120 -11.16 -7.25 29.15
C LEU C 120 -10.47 -8.22 30.08
N ASN C 121 -9.91 -9.30 29.52
CA ASN C 121 -9.17 -10.32 30.26
C ASN C 121 -8.23 -11.05 29.34
N LEU C 122 -7.12 -11.52 29.88
CA LEU C 122 -6.16 -12.33 29.14
C LEU C 122 -6.83 -13.68 28.90
N PHE C 123 -6.52 -14.29 27.76
CA PHE C 123 -7.10 -15.59 27.46
C PHE C 123 -6.34 -16.70 28.23
N HIS C 124 -7.08 -17.51 29.00
CA HIS C 124 -6.44 -18.63 29.66
C HIS C 124 -7.00 -19.92 29.11
N ASP C 125 -8.23 -20.26 29.45
CA ASP C 125 -8.86 -21.51 29.02
C ASP C 125 -10.38 -21.37 28.81
N ASP C 126 -10.88 -20.14 28.71
CA ASP C 126 -12.31 -19.92 28.55
C ASP C 126 -12.77 -20.19 27.10
N ILE C 127 -12.93 -21.48 26.76
CA ILE C 127 -13.41 -21.93 25.45
C ILE C 127 -14.92 -21.62 25.32
N HIS C 128 -15.67 -21.63 26.46
CA HIS C 128 -17.09 -21.31 26.52
C HIS C 128 -17.32 -19.89 26.00
N HIS C 129 -16.48 -18.92 26.42
CA HIS C 129 -16.56 -17.54 25.96
C HIS C 129 -16.10 -17.43 24.49
N VAL C 130 -15.13 -18.25 24.04
CA VAL C 130 -14.71 -18.26 22.63
C VAL C 130 -15.89 -18.70 21.75
N ARG C 131 -16.54 -19.83 22.11
CA ARG C 131 -17.69 -20.37 21.40
C ARG C 131 -18.92 -19.46 21.42
N LYS C 132 -19.24 -18.88 22.58
CA LYS C 132 -20.40 -17.99 22.75
C LYS C 132 -20.18 -16.70 21.93
N SER C 133 -18.95 -16.20 21.89
CA SER C 133 -18.60 -15.02 21.07
C SER C 133 -18.81 -15.33 19.60
N MET C 134 -18.40 -16.53 19.14
CA MET C 134 -18.59 -16.92 17.75
C MET C 134 -20.07 -17.09 17.41
N GLU C 135 -20.85 -17.68 18.35
CA GLU C 135 -22.29 -17.90 18.16
C GLU C 135 -23.07 -16.58 18.12
N VAL C 136 -22.93 -15.74 19.16
CA VAL C 136 -23.66 -14.49 19.27
C VAL C 136 -23.12 -13.41 18.32
N ASN C 137 -21.82 -13.10 18.38
CA ASN C 137 -21.27 -11.99 17.57
C ASN C 137 -21.11 -12.31 16.08
N PHE C 138 -21.11 -13.58 15.71
CA PHE C 138 -20.89 -13.92 14.32
C PHE C 138 -21.99 -14.79 13.70
N LEU C 139 -22.24 -15.97 14.26
CA LEU C 139 -23.21 -16.89 13.68
C LEU C 139 -24.62 -16.34 13.60
N SER C 140 -25.09 -15.67 14.64
CA SER C 140 -26.44 -15.07 14.62
C SER C 140 -26.58 -13.98 13.53
N TYR C 141 -25.48 -13.30 13.20
CA TYR C 141 -25.43 -12.28 12.13
C TYR C 141 -25.69 -12.96 10.78
N VAL C 142 -25.09 -14.15 10.56
CA VAL C 142 -25.25 -14.96 9.36
C VAL C 142 -26.73 -15.43 9.23
N VAL C 143 -27.29 -15.95 10.33
CA VAL C 143 -28.68 -16.44 10.42
C VAL C 143 -29.68 -15.31 10.10
N LEU C 144 -29.44 -14.10 10.66
CA LEU C 144 -30.25 -12.91 10.48
C LEU C 144 -30.21 -12.47 9.01
N THR C 145 -29.01 -12.49 8.39
CA THR C 145 -28.78 -12.15 6.99
C THR C 145 -29.55 -13.11 6.04
N VAL C 146 -29.42 -14.45 6.24
CA VAL C 146 -30.13 -15.48 5.43
C VAL C 146 -31.65 -15.21 5.47
N ALA C 147 -32.20 -14.97 6.69
CA ALA C 147 -33.61 -14.70 6.94
C ALA C 147 -34.09 -13.40 6.30
N ALA C 148 -33.21 -12.36 6.26
CA ALA C 148 -33.54 -11.02 5.75
C ALA C 148 -33.35 -10.84 4.26
N LEU C 149 -32.48 -11.63 3.62
CA LEU C 149 -32.12 -11.46 2.21
C LEU C 149 -33.29 -11.42 1.22
N PRO C 150 -34.32 -12.32 1.27
CA PRO C 150 -35.42 -12.19 0.30
C PRO C 150 -36.07 -10.79 0.33
N MET C 151 -36.33 -10.24 1.54
CA MET C 151 -36.91 -8.90 1.72
C MET C 151 -35.98 -7.78 1.25
N LEU C 152 -34.67 -7.92 1.50
CA LEU C 152 -33.67 -6.93 1.11
C LEU C 152 -33.46 -6.91 -0.40
N LYS C 153 -33.68 -8.05 -1.06
CA LYS C 153 -33.57 -8.18 -2.51
C LYS C 153 -34.75 -7.45 -3.19
N GLN C 154 -35.94 -7.54 -2.58
CA GLN C 154 -37.16 -6.88 -3.05
C GLN C 154 -37.02 -5.35 -2.98
N SER C 155 -36.45 -4.87 -1.89
CA SER C 155 -36.25 -3.44 -1.63
C SER C 155 -34.92 -2.89 -2.13
N ASN C 156 -34.02 -3.75 -2.64
CA ASN C 156 -32.65 -3.37 -3.02
C ASN C 156 -31.97 -2.70 -1.78
N GLY C 157 -32.17 -3.34 -0.63
CA GLY C 157 -31.78 -2.91 0.71
C GLY C 157 -30.31 -2.95 1.08
N SER C 158 -30.08 -2.82 2.39
CA SER C 158 -28.75 -2.73 2.98
C SER C 158 -28.54 -3.59 4.21
N ILE C 159 -27.33 -4.16 4.31
CA ILE C 159 -26.89 -4.88 5.50
C ILE C 159 -25.79 -4.01 6.11
N VAL C 160 -25.94 -3.67 7.41
CA VAL C 160 -24.99 -2.87 8.18
C VAL C 160 -24.45 -3.76 9.30
N VAL C 161 -23.13 -4.05 9.26
CA VAL C 161 -22.41 -4.90 10.20
C VAL C 161 -21.53 -4.05 11.13
N VAL C 162 -21.87 -4.04 12.42
CA VAL C 162 -21.09 -3.27 13.37
C VAL C 162 -19.91 -4.11 13.83
N SER C 163 -18.71 -3.69 13.44
CA SER C 163 -17.47 -4.34 13.80
C SER C 163 -16.63 -3.39 14.65
N SER C 164 -15.30 -3.58 14.64
CA SER C 164 -14.37 -2.87 15.53
C SER C 164 -12.97 -2.76 14.89
N LEU C 165 -12.12 -1.89 15.49
CA LEU C 165 -10.70 -1.78 15.12
C LEU C 165 -10.05 -3.13 15.45
N ALA C 166 -10.57 -3.81 16.50
CA ALA C 166 -10.19 -5.16 16.94
C ALA C 166 -10.68 -6.25 15.94
N GLY C 167 -11.43 -5.85 14.91
CA GLY C 167 -11.83 -6.70 13.80
C GLY C 167 -11.01 -6.41 12.55
N LYS C 168 -9.94 -5.60 12.69
CA LYS C 168 -9.03 -5.23 11.58
C LYS C 168 -7.58 -5.39 12.00
N VAL C 169 -7.28 -5.07 13.27
CA VAL C 169 -5.93 -5.18 13.84
C VAL C 169 -6.01 -5.97 15.16
N ALA C 170 -4.86 -6.50 15.63
CA ALA C 170 -4.80 -7.28 16.85
C ALA C 170 -4.69 -6.42 18.10
N TYR C 171 -5.41 -6.82 19.15
CA TYR C 171 -5.39 -6.18 20.45
C TYR C 171 -5.29 -7.28 21.50
N PRO C 172 -4.54 -7.06 22.61
CA PRO C 172 -4.59 -8.04 23.72
C PRO C 172 -5.89 -7.88 24.52
N MET C 173 -6.22 -8.86 25.38
CA MET C 173 -7.37 -8.91 26.31
C MET C 173 -8.74 -9.10 25.66
N VAL C 174 -8.77 -9.30 24.33
CA VAL C 174 -10.02 -9.47 23.54
C VAL C 174 -9.91 -10.54 22.45
N ALA C 175 -9.16 -11.64 22.70
CA ALA C 175 -8.93 -12.71 21.72
C ALA C 175 -10.21 -13.32 21.12
N ALA C 176 -11.19 -13.75 21.94
CA ALA C 176 -12.47 -14.33 21.47
C ALA C 176 -13.32 -13.30 20.70
N TYR C 177 -13.40 -12.08 21.24
CA TYR C 177 -14.12 -10.95 20.65
C TYR C 177 -13.55 -10.58 19.28
N SER C 178 -12.22 -10.43 19.22
CA SER C 178 -11.46 -10.09 18.02
C SER C 178 -11.64 -11.19 16.95
N ALA C 179 -11.59 -12.46 17.36
CA ALA C 179 -11.80 -13.60 16.45
C ALA C 179 -13.19 -13.49 15.76
N SER C 180 -14.23 -13.19 16.56
CA SER C 180 -15.60 -13.03 16.05
C SER C 180 -15.78 -11.82 15.12
N LYS C 181 -14.99 -10.74 15.34
CA LYS C 181 -15.06 -9.52 14.51
C LYS C 181 -14.30 -9.66 13.22
N PHE C 182 -13.15 -10.37 13.27
CA PHE C 182 -12.38 -10.73 12.09
C PHE C 182 -13.24 -11.67 11.20
N ALA C 183 -13.93 -12.67 11.82
CA ALA C 183 -14.83 -13.61 11.11
C ALA C 183 -15.90 -12.84 10.32
N LEU C 184 -16.48 -11.78 10.91
CA LEU C 184 -17.47 -10.92 10.24
C LEU C 184 -16.90 -10.34 8.94
N ASP C 185 -15.65 -9.89 8.99
CA ASP C 185 -14.98 -9.33 7.82
C ASP C 185 -14.80 -10.41 6.74
N GLY C 186 -14.27 -11.56 7.10
CA GLY C 186 -14.13 -12.69 6.17
C GLY C 186 -15.44 -13.09 5.51
N PHE C 187 -16.50 -13.27 6.30
CA PHE C 187 -17.80 -13.67 5.79
C PHE C 187 -18.47 -12.64 4.91
N PHE C 188 -18.74 -11.45 5.46
CA PHE C 188 -19.46 -10.41 4.77
C PHE C 188 -18.73 -9.79 3.60
N SER C 189 -17.40 -9.79 3.61
CA SER C 189 -16.62 -9.28 2.49
C SER C 189 -16.62 -10.28 1.35
N SER C 190 -16.73 -11.58 1.67
CA SER C 190 -16.81 -12.67 0.70
C SER C 190 -18.17 -12.67 -0.02
N ILE C 191 -19.30 -12.60 0.73
CA ILE C 191 -20.65 -12.55 0.15
C ILE C 191 -20.87 -11.24 -0.61
N ARG C 192 -20.17 -10.14 -0.23
CA ARG C 192 -20.28 -8.88 -0.98
C ARG C 192 -19.77 -9.10 -2.39
N LYS C 193 -18.66 -9.82 -2.54
CA LYS C 193 -18.09 -10.19 -3.84
C LYS C 193 -18.98 -11.12 -4.64
N GLU C 194 -19.71 -12.02 -3.96
CA GLU C 194 -20.67 -12.91 -4.59
C GLU C 194 -21.89 -12.12 -5.10
N TYR C 195 -22.40 -11.18 -4.28
CA TYR C 195 -23.54 -10.31 -4.63
C TYR C 195 -23.20 -9.43 -5.85
N SER C 196 -21.94 -8.99 -5.94
CA SER C 196 -21.45 -8.17 -7.04
C SER C 196 -21.53 -8.92 -8.38
N VAL C 197 -21.10 -10.20 -8.43
CA VAL C 197 -21.11 -11.00 -9.66
C VAL C 197 -22.49 -11.60 -9.97
N SER C 198 -23.35 -11.79 -8.95
CA SER C 198 -24.72 -12.31 -9.08
C SER C 198 -25.72 -11.19 -9.29
N ARG C 199 -25.23 -9.94 -9.31
CA ARG C 199 -25.98 -8.69 -9.44
C ARG C 199 -27.16 -8.64 -8.43
N VAL C 200 -26.82 -8.90 -7.14
CA VAL C 200 -27.74 -8.84 -5.99
C VAL C 200 -27.52 -7.42 -5.47
N ASN C 201 -28.56 -6.57 -5.59
CA ASN C 201 -28.48 -5.17 -5.19
C ASN C 201 -28.74 -4.95 -3.70
N VAL C 202 -27.98 -5.67 -2.86
CA VAL C 202 -28.01 -5.55 -1.42
C VAL C 202 -26.60 -5.13 -1.04
N SER C 203 -26.46 -3.91 -0.51
CA SER C 203 -25.15 -3.39 -0.11
C SER C 203 -24.75 -3.97 1.25
N ILE C 204 -23.44 -4.05 1.50
CA ILE C 204 -22.90 -4.55 2.78
C ILE C 204 -21.93 -3.52 3.34
N THR C 205 -22.26 -2.93 4.51
CA THR C 205 -21.41 -1.95 5.20
C THR C 205 -20.80 -2.55 6.47
N LEU C 206 -19.46 -2.66 6.51
CA LEU C 206 -18.72 -3.10 7.68
C LEU C 206 -18.22 -1.81 8.39
N CYS C 207 -18.68 -1.61 9.62
CA CYS C 207 -18.33 -0.43 10.43
C CYS C 207 -17.22 -0.79 11.40
N VAL C 208 -16.06 -0.17 11.24
CA VAL C 208 -14.84 -0.38 12.03
C VAL C 208 -14.76 0.76 13.00
N LEU C 209 -15.10 0.48 14.26
CA LEU C 209 -15.14 1.49 15.32
C LEU C 209 -14.04 1.38 16.32
N GLY C 210 -13.61 2.54 16.82
CA GLY C 210 -12.66 2.68 17.91
C GLY C 210 -13.45 2.76 19.19
N LEU C 211 -12.83 3.16 20.29
CA LEU C 211 -13.54 3.29 21.55
C LEU C 211 -14.69 4.30 21.50
N ILE C 212 -15.89 3.89 21.96
CA ILE C 212 -17.11 4.69 21.96
C ILE C 212 -17.55 4.83 23.39
N ASP C 213 -17.98 6.03 23.79
CA ASP C 213 -18.35 6.33 25.17
C ASP C 213 -19.69 5.67 25.64
N THR C 214 -19.91 4.39 25.36
CA THR C 214 -21.10 3.70 25.88
C THR C 214 -20.81 3.29 27.32
N GLU C 215 -21.85 3.19 28.15
CA GLU C 215 -21.79 2.77 29.54
C GLU C 215 -21.01 1.47 29.69
N THR C 216 -21.30 0.47 28.85
CA THR C 216 -20.63 -0.84 28.86
C THR C 216 -19.14 -0.72 28.62
N ALA C 217 -18.72 0.00 27.54
CA ALA C 217 -17.29 0.19 27.21
C ALA C 217 -16.55 0.96 28.29
N MET C 218 -17.16 2.02 28.83
CA MET C 218 -16.54 2.86 29.87
C MET C 218 -16.35 2.09 31.17
N LYS C 219 -17.31 1.23 31.53
CA LYS C 219 -17.18 0.38 32.72
C LYS C 219 -16.12 -0.72 32.46
N ALA C 220 -16.13 -1.31 31.25
CA ALA C 220 -15.18 -2.36 30.88
C ALA C 220 -13.70 -1.92 30.85
N VAL C 221 -13.41 -0.69 30.43
CA VAL C 221 -12.03 -0.16 30.32
C VAL C 221 -11.53 0.44 31.63
N SER C 222 -12.46 0.82 32.50
CA SER C 222 -12.20 1.45 33.81
C SER C 222 -11.10 0.76 34.63
N GLY C 223 -9.99 1.52 34.83
CA GLY C 223 -8.82 1.09 35.58
C GLY C 223 -7.92 0.07 34.88
N ILE C 224 -8.23 -0.26 33.62
CA ILE C 224 -7.45 -1.25 32.82
C ILE C 224 -6.77 -0.49 31.69
N VAL C 225 -7.57 0.33 31.03
CA VAL C 225 -7.06 1.02 29.88
C VAL C 225 -7.51 2.51 29.93
N HIS C 226 -6.58 3.42 29.63
CA HIS C 226 -6.78 4.87 29.64
C HIS C 226 -6.62 5.41 28.23
N MET C 227 -7.75 5.70 27.59
CA MET C 227 -7.74 6.14 26.21
C MET C 227 -8.98 6.94 25.87
N GLN C 228 -8.87 7.74 24.81
CA GLN C 228 -9.91 8.62 24.28
C GLN C 228 -11.09 7.82 23.70
N ALA C 229 -12.32 8.16 24.16
CA ALA C 229 -13.58 7.57 23.71
C ALA C 229 -14.33 8.58 22.82
N ALA C 230 -14.85 8.13 21.67
CA ALA C 230 -15.62 8.99 20.78
C ALA C 230 -17.12 9.01 21.19
N PRO C 231 -17.90 10.07 20.84
CA PRO C 231 -19.31 10.10 21.29
C PRO C 231 -20.24 9.13 20.56
N LYS C 232 -21.08 8.42 21.32
CA LYS C 232 -22.04 7.42 20.86
C LYS C 232 -23.11 7.94 19.89
N GLU C 233 -23.50 9.22 20.05
CA GLU C 233 -24.53 9.81 19.17
C GLU C 233 -24.01 9.99 17.74
N GLU C 234 -22.81 10.56 17.60
CA GLU C 234 -22.16 10.79 16.33
C GLU C 234 -21.79 9.45 15.69
N CYS C 235 -21.33 8.48 16.50
CA CYS C 235 -20.98 7.14 16.04
C CYS C 235 -22.17 6.48 15.36
N ALA C 236 -23.31 6.40 16.08
CA ALA C 236 -24.58 5.86 15.63
C ALA C 236 -25.02 6.45 14.28
N LEU C 237 -24.85 7.79 14.11
CA LEU C 237 -25.21 8.51 12.89
C LEU C 237 -24.28 8.13 11.74
N GLU C 238 -22.97 8.10 11.98
CA GLU C 238 -21.97 7.73 10.98
C GLU C 238 -22.20 6.32 10.46
N ILE C 239 -22.75 5.42 11.32
CA ILE C 239 -23.06 4.03 10.96
C ILE C 239 -24.24 4.04 9.97
N ILE C 240 -25.32 4.77 10.30
CA ILE C 240 -26.51 4.96 9.47
C ILE C 240 -26.15 5.61 8.14
N LYS C 241 -25.26 6.63 8.17
CA LYS C 241 -24.80 7.37 6.98
C LYS C 241 -24.18 6.46 5.97
N GLY C 242 -23.22 5.62 6.40
CA GLY C 242 -22.53 4.67 5.55
C GLY C 242 -23.45 3.63 4.93
N GLY C 243 -24.45 3.18 5.73
CA GLY C 243 -25.48 2.25 5.31
C GLY C 243 -26.33 2.84 4.20
N ALA C 244 -26.90 4.05 4.45
CA ALA C 244 -27.71 4.81 3.49
C ALA C 244 -26.95 5.14 2.21
N LEU C 245 -25.66 5.53 2.33
CA LEU C 245 -24.78 5.84 1.20
C LEU C 245 -24.21 4.61 0.53
N ARG C 246 -24.51 3.41 1.09
CA ARG C 246 -24.11 2.09 0.57
C ARG C 246 -22.57 1.91 0.49
N GLN C 247 -21.84 2.50 1.46
CA GLN C 247 -20.38 2.39 1.54
C GLN C 247 -20.02 0.97 2.01
N GLU C 248 -18.92 0.41 1.49
CA GLU C 248 -18.45 -0.93 1.83
C GLU C 248 -17.96 -0.96 3.28
N GLU C 249 -17.23 0.09 3.67
CA GLU C 249 -16.66 0.22 4.99
C GLU C 249 -16.79 1.63 5.55
N VAL C 250 -17.05 1.74 6.86
CA VAL C 250 -17.15 2.97 7.62
C VAL C 250 -16.14 2.89 8.72
N TYR C 251 -15.30 3.93 8.89
CA TYR C 251 -14.28 3.99 9.94
C TYR C 251 -14.60 5.16 10.86
N TYR C 252 -14.69 4.89 12.15
CA TYR C 252 -15.00 5.91 13.15
C TYR C 252 -14.17 5.72 14.41
N ASP C 253 -13.23 6.65 14.64
CA ASP C 253 -12.31 6.66 15.78
C ASP C 253 -11.87 8.08 16.12
N SER C 254 -11.46 8.29 17.39
CA SER C 254 -10.96 9.56 17.93
C SER C 254 -9.59 9.94 17.32
N SER C 255 -8.71 8.96 17.08
CA SER C 255 -7.37 9.20 16.54
C SER C 255 -7.31 9.52 15.06
N ARG C 256 -6.56 10.58 14.73
CA ARG C 256 -6.31 11.02 13.35
C ARG C 256 -5.40 10.01 12.63
N TRP C 257 -4.47 9.42 13.38
CA TRP C 257 -3.51 8.41 12.90
C TRP C 257 -4.20 7.11 12.49
N THR C 258 -5.27 6.72 13.21
CA THR C 258 -6.10 5.55 12.94
C THR C 258 -6.77 5.68 11.59
N THR C 259 -7.47 6.80 11.35
CA THR C 259 -8.17 7.08 10.09
C THR C 259 -7.21 6.99 8.88
N LEU C 260 -5.97 7.45 9.07
CA LEU C 260 -4.94 7.43 8.05
C LEU C 260 -4.38 6.04 7.73
N LEU C 261 -4.24 5.18 8.76
CA LEU C 261 -3.63 3.86 8.60
C LEU C 261 -4.57 2.66 8.51
N ILE C 262 -5.83 2.79 8.96
CA ILE C 262 -6.81 1.70 9.01
C ILE C 262 -7.14 1.10 7.64
N ARG C 263 -7.26 1.92 6.60
CA ARG C 263 -7.56 1.43 5.24
C ARG C 263 -6.45 0.53 4.69
N ASN C 264 -6.83 -0.53 3.96
CA ASN C 264 -5.87 -1.45 3.34
C ASN C 264 -6.06 -1.43 1.80
N PRO C 265 -5.40 -0.47 1.11
CA PRO C 265 -5.56 -0.39 -0.36
C PRO C 265 -5.03 -1.60 -1.12
N CYS C 266 -3.94 -2.21 -0.59
CA CYS C 266 -3.31 -3.40 -1.17
C CYS C 266 -4.21 -4.62 -1.15
N ARG C 267 -5.13 -4.69 -0.16
CA ARG C 267 -6.12 -5.76 -0.06
C ARG C 267 -7.08 -5.65 -1.22
N LYS C 268 -7.55 -4.44 -1.54
CA LYS C 268 -8.51 -4.27 -2.66
C LYS C 268 -7.86 -4.56 -4.00
N ILE C 269 -6.58 -4.19 -4.13
CA ILE C 269 -5.76 -4.42 -5.32
C ILE C 269 -5.65 -5.93 -5.51
N LEU C 270 -5.16 -6.65 -4.47
CA LEU C 270 -5.05 -8.11 -4.52
C LEU C 270 -6.34 -8.79 -4.87
N GLU C 271 -7.46 -8.32 -4.28
CA GLU C 271 -8.83 -8.83 -4.49
C GLU C 271 -9.27 -8.69 -5.96
N GLU C 272 -8.86 -7.59 -6.60
CA GLU C 272 -9.17 -7.37 -8.02
C GLU C 272 -8.32 -8.27 -8.93
N LEU C 273 -7.03 -8.45 -8.59
CA LEU C 273 -6.10 -9.30 -9.36
C LEU C 273 -6.57 -10.77 -9.38
N TYR C 274 -7.05 -11.26 -8.22
CA TYR C 274 -7.54 -12.62 -7.98
C TYR C 274 -8.86 -12.92 -8.68
N SER C 275 -9.68 -11.88 -8.96
CA SER C 275 -10.99 -12.04 -9.59
C SER C 275 -10.91 -12.41 -11.10
N THR C 276 -9.67 -12.51 -11.66
CA THR C 276 -9.41 -12.92 -13.05
C THR C 276 -9.54 -14.47 -13.19
N SER C 277 -9.30 -15.20 -12.07
CA SER C 277 -9.40 -16.65 -11.92
C SER C 277 -10.84 -17.15 -12.17
N TYR C 278 -11.85 -16.27 -11.93
CA TYR C 278 -13.28 -16.53 -12.11
C TYR C 278 -13.96 -15.31 -12.74
N GLU D 19 17.16 -15.96 11.82
CA GLU D 19 17.77 -15.53 10.56
C GLU D 19 17.75 -16.63 9.46
N GLU D 20 18.69 -17.60 9.51
CA GLU D 20 18.80 -18.67 8.52
C GLU D 20 18.43 -20.03 9.09
N PHE D 21 17.55 -20.74 8.37
CA PHE D 21 17.07 -22.06 8.75
C PHE D 21 18.12 -23.14 8.56
N ARG D 22 18.12 -24.13 9.46
CA ARG D 22 18.94 -25.31 9.45
C ARG D 22 18.03 -26.50 9.80
N PRO D 23 18.01 -27.60 9.00
CA PRO D 23 17.15 -28.75 9.36
C PRO D 23 17.43 -29.32 10.74
N GLU D 24 18.67 -29.06 11.26
CA GLU D 24 19.17 -29.47 12.58
C GLU D 24 18.33 -28.86 13.70
N MET D 25 17.64 -27.73 13.41
CA MET D 25 16.76 -27.03 14.35
C MET D 25 15.60 -27.89 14.82
N LEU D 26 15.11 -28.82 13.97
CA LEU D 26 14.01 -29.74 14.25
C LEU D 26 14.48 -31.12 14.74
N GLN D 27 15.81 -31.40 14.72
CA GLN D 27 16.40 -32.66 15.17
C GLN D 27 16.07 -32.90 16.66
N GLY D 28 15.34 -33.99 16.92
CA GLY D 28 14.92 -34.39 18.26
C GLY D 28 13.76 -33.62 18.87
N LYS D 29 13.16 -32.69 18.09
CA LYS D 29 12.03 -31.86 18.56
C LYS D 29 10.77 -32.68 18.56
N LYS D 30 9.90 -32.42 19.55
CA LYS D 30 8.63 -33.12 19.73
C LYS D 30 7.51 -32.32 19.03
N VAL D 31 7.05 -32.83 17.88
CA VAL D 31 6.09 -32.15 17.00
C VAL D 31 4.78 -32.90 16.80
N ILE D 32 3.66 -32.14 16.86
CA ILE D 32 2.29 -32.59 16.55
C ILE D 32 1.98 -31.99 15.18
N VAL D 33 1.40 -32.80 14.27
CA VAL D 33 0.93 -32.33 12.98
C VAL D 33 -0.51 -32.81 12.86
N THR D 34 -1.47 -31.86 12.75
CA THR D 34 -2.89 -32.21 12.57
C THR D 34 -3.18 -32.25 11.07
N GLY D 35 -4.30 -32.88 10.68
CA GLY D 35 -4.65 -33.12 9.29
C GLY D 35 -3.44 -33.57 8.50
N ALA D 36 -2.75 -34.63 8.98
CA ALA D 36 -1.50 -35.12 8.42
C ALA D 36 -1.58 -36.47 7.69
N SER D 37 -2.78 -36.92 7.32
CA SER D 37 -2.95 -38.18 6.58
C SER D 37 -2.75 -37.95 5.08
N LYS D 38 -2.88 -36.69 4.63
CA LYS D 38 -2.73 -36.28 3.22
C LYS D 38 -2.38 -34.80 3.07
N GLY D 39 -2.26 -34.35 1.82
CA GLY D 39 -1.95 -32.98 1.44
C GLY D 39 -0.68 -32.44 2.07
N ILE D 40 -0.72 -31.15 2.51
CA ILE D 40 0.41 -30.42 3.11
C ILE D 40 0.79 -31.03 4.47
N GLY D 41 -0.20 -31.43 5.27
CA GLY D 41 0.00 -32.08 6.57
C GLY D 41 0.94 -33.28 6.51
N ARG D 42 0.69 -34.20 5.56
CA ARG D 42 1.50 -35.39 5.30
C ARG D 42 2.90 -34.98 4.82
N GLU D 43 2.99 -33.94 3.98
CA GLU D 43 4.27 -33.42 3.47
C GLU D 43 5.12 -32.85 4.60
N MET D 44 4.47 -32.20 5.59
CA MET D 44 5.13 -31.66 6.79
C MET D 44 5.67 -32.78 7.67
N ALA D 45 4.85 -33.82 7.93
CA ALA D 45 5.24 -35.01 8.71
C ALA D 45 6.49 -35.66 8.10
N TYR D 46 6.52 -35.79 6.75
CA TYR D 46 7.63 -36.36 5.99
C TYR D 46 8.91 -35.56 6.12
N HIS D 47 8.85 -34.21 6.04
CA HIS D 47 10.01 -33.32 6.19
C HIS D 47 10.58 -33.43 7.57
N LEU D 48 9.68 -33.51 8.59
CA LEU D 48 10.06 -33.60 10.01
C LEU D 48 10.82 -34.88 10.29
N ALA D 49 10.33 -36.02 9.73
CA ALA D 49 10.94 -37.34 9.81
C ALA D 49 12.36 -37.32 9.23
N LYS D 50 12.56 -36.74 8.03
CA LYS D 50 13.85 -36.58 7.37
C LYS D 50 14.82 -35.79 8.26
N MET D 51 14.28 -34.79 8.99
CA MET D 51 15.01 -33.92 9.92
C MET D 51 15.27 -34.58 11.26
N GLY D 52 14.66 -35.74 11.48
CA GLY D 52 14.83 -36.53 12.69
C GLY D 52 14.07 -36.04 13.89
N ALA D 53 12.87 -35.46 13.67
CA ALA D 53 12.05 -34.99 14.79
C ALA D 53 11.24 -36.17 15.28
N HIS D 54 10.64 -36.05 16.48
CA HIS D 54 9.71 -37.02 17.03
C HIS D 54 8.38 -36.49 16.52
N VAL D 55 7.52 -37.35 15.96
CA VAL D 55 6.24 -36.89 15.40
C VAL D 55 5.06 -37.68 15.90
N VAL D 56 3.94 -36.98 16.14
CA VAL D 56 2.63 -37.53 16.45
C VAL D 56 1.69 -36.87 15.44
N VAL D 57 1.17 -37.68 14.52
CA VAL D 57 0.26 -37.26 13.44
C VAL D 57 -1.19 -37.63 13.74
N THR D 58 -2.12 -36.82 13.23
CA THR D 58 -3.55 -37.07 13.44
C THR D 58 -4.36 -36.67 12.21
N ALA D 59 -5.55 -37.32 12.07
CA ALA D 59 -6.58 -37.20 11.04
C ALA D 59 -7.64 -38.25 11.41
N ARG D 60 -8.74 -38.36 10.67
CA ARG D 60 -9.77 -39.36 11.01
C ARG D 60 -9.43 -40.79 10.55
N SER D 61 -8.71 -40.94 9.40
CA SER D 61 -8.39 -42.24 8.82
C SER D 61 -7.18 -42.92 9.42
N LYS D 62 -7.45 -43.98 10.21
CA LYS D 62 -6.48 -44.84 10.89
C LYS D 62 -5.52 -45.49 9.87
N GLU D 63 -6.07 -46.01 8.76
CA GLU D 63 -5.34 -46.68 7.67
C GLU D 63 -4.33 -45.76 6.99
N THR D 64 -4.76 -44.55 6.62
CA THR D 64 -3.92 -43.55 5.95
C THR D 64 -2.84 -43.03 6.89
N LEU D 65 -3.13 -42.92 8.20
CA LEU D 65 -2.19 -42.46 9.21
C LEU D 65 -1.09 -43.47 9.44
N GLN D 66 -1.44 -44.78 9.41
CA GLN D 66 -0.50 -45.92 9.56
C GLN D 66 0.57 -45.83 8.48
N LYS D 67 0.13 -45.60 7.21
CA LYS D 67 0.98 -45.46 6.04
C LYS D 67 1.95 -44.29 6.19
N VAL D 68 1.49 -43.15 6.80
CA VAL D 68 2.29 -41.94 7.01
C VAL D 68 3.37 -42.22 8.06
N VAL D 69 2.98 -42.86 9.19
CA VAL D 69 3.85 -43.21 10.31
C VAL D 69 5.00 -44.12 9.84
N SER D 70 4.64 -45.22 9.12
CA SER D 70 5.57 -46.21 8.54
C SER D 70 6.57 -45.54 7.60
N HIS D 71 6.07 -44.69 6.68
CA HIS D 71 6.93 -43.94 5.77
C HIS D 71 7.82 -42.97 6.54
N CYS D 72 7.28 -42.31 7.61
CA CYS D 72 8.05 -41.39 8.46
C CYS D 72 9.25 -42.10 9.13
N LEU D 73 9.02 -43.26 9.75
CA LEU D 73 10.09 -44.05 10.40
C LEU D 73 11.18 -44.43 9.39
N GLU D 74 10.76 -44.84 8.19
CA GLU D 74 11.60 -45.19 7.05
C GLU D 74 12.47 -43.99 6.61
N LEU D 75 11.93 -42.73 6.75
CA LEU D 75 12.59 -41.47 6.39
C LEU D 75 13.63 -40.98 7.41
N GLY D 76 13.62 -41.60 8.59
CA GLY D 76 14.56 -41.31 9.68
C GLY D 76 14.00 -40.52 10.84
N ALA D 77 12.69 -40.70 11.12
CA ALA D 77 12.02 -40.05 12.24
C ALA D 77 12.62 -40.59 13.52
N ALA D 78 12.83 -39.71 14.53
CA ALA D 78 13.35 -40.13 15.82
C ALA D 78 12.36 -41.11 16.44
N SER D 79 11.05 -40.84 16.26
CA SER D 79 9.90 -41.66 16.62
C SER D 79 8.71 -41.16 15.80
N ALA D 80 7.74 -42.04 15.56
CA ALA D 80 6.54 -41.69 14.80
C ALA D 80 5.36 -42.42 15.34
N HIS D 81 4.29 -41.68 15.66
CA HIS D 81 3.05 -42.21 16.18
C HIS D 81 1.85 -41.51 15.55
N TYR D 82 0.69 -42.16 15.61
CA TYR D 82 -0.55 -41.58 15.17
C TYR D 82 -1.63 -41.83 16.22
N ILE D 83 -2.64 -40.95 16.26
CA ILE D 83 -3.83 -41.04 17.08
C ILE D 83 -4.93 -40.54 16.12
N ALA D 84 -5.88 -41.41 15.77
CA ALA D 84 -6.96 -41.11 14.85
C ALA D 84 -8.21 -40.61 15.59
N GLY D 85 -8.93 -39.70 14.96
CA GLY D 85 -10.15 -39.13 15.50
C GLY D 85 -10.59 -37.85 14.80
N THR D 86 -11.82 -37.42 15.05
CA THR D 86 -12.37 -36.20 14.44
C THR D 86 -12.17 -34.95 15.33
N MET D 87 -11.78 -33.85 14.69
CA MET D 87 -11.60 -32.54 15.31
C MET D 87 -12.93 -31.77 15.49
N GLU D 88 -14.06 -32.45 15.19
CA GLU D 88 -15.43 -31.98 15.46
C GLU D 88 -15.69 -32.21 16.97
N ASP D 89 -15.02 -33.21 17.56
CA ASP D 89 -15.10 -33.62 18.96
C ASP D 89 -14.02 -32.88 19.75
N MET D 90 -14.45 -31.90 20.56
CA MET D 90 -13.56 -31.07 21.39
C MET D 90 -12.88 -31.88 22.50
N THR D 91 -13.53 -32.98 22.94
CA THR D 91 -12.99 -33.91 23.93
C THR D 91 -11.81 -34.68 23.30
N PHE D 92 -11.95 -35.16 22.04
CA PHE D 92 -10.89 -35.84 21.33
C PHE D 92 -9.70 -34.90 21.17
N ALA D 93 -9.95 -33.64 20.74
CA ALA D 93 -8.93 -32.61 20.55
C ALA D 93 -8.08 -32.38 21.80
N GLU D 94 -8.73 -32.23 22.97
CA GLU D 94 -8.11 -32.03 24.29
C GLU D 94 -7.29 -33.26 24.74
N GLN D 95 -7.87 -34.45 24.63
CA GLN D 95 -7.23 -35.71 25.02
C GLN D 95 -6.10 -36.11 24.10
N PHE D 96 -6.23 -35.80 22.78
CA PHE D 96 -5.20 -36.10 21.77
C PHE D 96 -3.87 -35.49 22.17
N VAL D 97 -3.88 -34.22 22.60
CA VAL D 97 -2.70 -33.49 23.00
C VAL D 97 -2.08 -34.08 24.29
N ALA D 98 -2.92 -34.62 25.19
CA ALA D 98 -2.44 -35.25 26.42
C ALA D 98 -1.71 -36.57 26.05
N GLN D 99 -2.33 -37.38 25.18
CA GLN D 99 -1.82 -38.66 24.66
C GLN D 99 -0.55 -38.45 23.82
N ALA D 100 -0.53 -37.44 22.92
CA ALA D 100 0.64 -37.12 22.07
C ALA D 100 1.85 -36.64 22.87
N GLY D 101 1.60 -35.78 23.86
CA GLY D 101 2.63 -35.28 24.76
C GLY D 101 3.19 -36.38 25.62
N LYS D 102 2.32 -37.32 26.07
CA LYS D 102 2.69 -38.48 26.88
C LYS D 102 3.62 -39.41 26.08
N LEU D 103 3.32 -39.61 24.77
CA LEU D 103 4.10 -40.45 23.85
C LEU D 103 5.51 -39.93 23.60
N MET D 104 5.66 -38.60 23.48
CA MET D 104 6.95 -37.99 23.19
C MET D 104 7.70 -37.50 24.41
N GLY D 105 7.01 -37.41 25.55
CA GLY D 105 7.59 -36.88 26.79
C GLY D 105 7.72 -35.38 26.73
N GLY D 106 6.72 -34.73 26.13
CA GLY D 106 6.67 -33.28 25.97
C GLY D 106 6.25 -32.83 24.60
N LEU D 107 6.43 -31.53 24.33
CA LEU D 107 6.05 -30.91 23.06
C LEU D 107 6.84 -29.64 22.79
N ASP D 108 7.38 -29.53 21.60
CA ASP D 108 8.15 -28.37 21.15
C ASP D 108 7.40 -27.56 20.09
N MET D 109 6.65 -28.24 19.21
CA MET D 109 5.93 -27.59 18.14
C MET D 109 4.54 -28.19 17.94
N LEU D 110 3.53 -27.31 17.83
CA LEU D 110 2.14 -27.69 17.58
C LEU D 110 1.74 -27.17 16.20
N ILE D 111 1.56 -28.07 15.22
CA ILE D 111 1.19 -27.68 13.86
C ILE D 111 -0.28 -27.97 13.64
N LEU D 112 -1.07 -26.87 13.54
CA LEU D 112 -2.52 -26.89 13.37
C LEU D 112 -2.82 -26.64 11.90
N ASN D 113 -3.27 -27.70 11.22
CA ASN D 113 -3.42 -27.74 9.76
C ASN D 113 -4.76 -28.31 9.25
N HIS D 114 -5.40 -29.17 10.00
CA HIS D 114 -6.68 -29.73 9.55
C HIS D 114 -7.79 -28.67 9.29
N ILE D 115 -8.72 -29.02 8.39
CA ILE D 115 -9.90 -28.22 8.07
C ILE D 115 -11.02 -29.20 7.78
N THR D 116 -12.27 -28.74 7.88
CA THR D 116 -13.41 -29.57 7.50
C THR D 116 -13.46 -29.59 5.98
N ASN D 117 -13.98 -30.70 5.37
CA ASN D 117 -14.10 -30.82 3.91
C ASN D 117 -14.88 -29.63 3.34
N THR D 118 -14.25 -28.90 2.41
CA THR D 118 -14.86 -27.72 1.81
C THR D 118 -14.79 -27.78 0.29
N SER D 119 -15.88 -27.37 -0.34
CA SER D 119 -15.97 -27.24 -1.79
C SER D 119 -16.31 -25.78 -2.11
N LEU D 120 -16.11 -25.36 -3.38
CA LEU D 120 -16.41 -23.98 -3.79
C LEU D 120 -17.89 -23.87 -4.13
N ASN D 121 -18.60 -23.00 -3.42
CA ASN D 121 -20.03 -22.75 -3.61
C ASN D 121 -20.37 -21.37 -3.12
N LEU D 122 -21.32 -20.71 -3.79
CA LEU D 122 -21.81 -19.41 -3.33
C LEU D 122 -22.60 -19.68 -2.04
N PHE D 123 -22.66 -18.68 -1.17
CA PHE D 123 -23.40 -18.85 0.07
C PHE D 123 -24.86 -18.54 -0.15
N HIS D 124 -25.75 -19.47 0.27
CA HIS D 124 -27.19 -19.28 0.23
C HIS D 124 -27.81 -19.47 1.60
N ASP D 125 -27.81 -20.69 2.14
CA ASP D 125 -28.40 -20.90 3.47
C ASP D 125 -27.75 -22.03 4.29
N ASP D 126 -26.56 -22.51 3.87
CA ASP D 126 -25.91 -23.59 4.60
C ASP D 126 -25.25 -23.11 5.90
N ILE D 127 -26.07 -22.94 6.97
CA ILE D 127 -25.61 -22.53 8.29
C ILE D 127 -24.83 -23.66 8.97
N HIS D 128 -25.18 -24.93 8.66
CA HIS D 128 -24.50 -26.12 9.16
C HIS D 128 -23.04 -26.12 8.75
N HIS D 129 -22.75 -25.76 7.48
CA HIS D 129 -21.38 -25.65 6.99
C HIS D 129 -20.67 -24.43 7.61
N VAL D 130 -21.40 -23.33 7.87
CA VAL D 130 -20.81 -22.15 8.53
C VAL D 130 -20.33 -22.54 9.96
N ARG D 131 -21.23 -23.17 10.74
CA ARG D 131 -20.97 -23.63 12.10
C ARG D 131 -19.87 -24.71 12.17
N LYS D 132 -19.91 -25.71 11.26
CA LYS D 132 -18.92 -26.79 11.22
C LYS D 132 -17.53 -26.24 10.85
N SER D 133 -17.48 -25.26 9.95
CA SER D 133 -16.22 -24.60 9.58
C SER D 133 -15.64 -23.85 10.79
N MET D 134 -16.49 -23.17 11.57
CA MET D 134 -16.03 -22.47 12.76
C MET D 134 -15.56 -23.45 13.84
N GLU D 135 -16.27 -24.59 14.01
CA GLU D 135 -15.92 -25.62 14.99
C GLU D 135 -14.60 -26.33 14.66
N VAL D 136 -14.51 -26.90 13.45
CA VAL D 136 -13.35 -27.64 13.02
C VAL D 136 -12.15 -26.74 12.70
N ASN D 137 -12.30 -25.75 11.82
CA ASN D 137 -11.18 -24.91 11.40
C ASN D 137 -10.71 -23.89 12.41
N PHE D 138 -11.54 -23.57 13.39
CA PHE D 138 -11.17 -22.54 14.34
C PHE D 138 -11.24 -22.97 15.80
N LEU D 139 -12.39 -23.39 16.27
CA LEU D 139 -12.56 -23.76 17.67
C LEU D 139 -11.65 -24.89 18.14
N SER D 140 -11.50 -25.97 17.31
CA SER D 140 -10.63 -27.09 17.67
C SER D 140 -9.20 -26.62 17.86
N TYR D 141 -8.75 -25.62 17.03
CA TYR D 141 -7.40 -25.03 17.08
C TYR D 141 -7.18 -24.37 18.44
N VAL D 142 -8.21 -23.69 18.97
CA VAL D 142 -8.19 -23.02 20.28
C VAL D 142 -8.06 -24.10 21.39
N VAL D 143 -8.88 -25.17 21.30
CA VAL D 143 -8.91 -26.32 22.23
C VAL D 143 -7.53 -27.01 22.30
N LEU D 144 -6.93 -27.22 21.12
CA LEU D 144 -5.62 -27.86 20.96
C LEU D 144 -4.54 -27.01 21.58
N THR D 145 -4.60 -25.68 21.38
CA THR D 145 -3.67 -24.69 21.94
C THR D 145 -3.74 -24.68 23.49
N VAL D 146 -4.95 -24.60 24.08
CA VAL D 146 -5.16 -24.61 25.54
C VAL D 146 -4.53 -25.90 26.15
N ALA D 147 -4.78 -27.05 25.53
CA ALA D 147 -4.27 -28.36 25.94
C ALA D 147 -2.75 -28.46 25.83
N ALA D 148 -2.16 -27.83 24.79
CA ALA D 148 -0.71 -27.86 24.52
C ALA D 148 0.13 -26.83 25.26
N LEU D 149 -0.46 -25.69 25.65
CA LEU D 149 0.27 -24.57 26.24
C LEU D 149 1.14 -24.93 27.46
N PRO D 150 0.69 -25.69 28.50
CA PRO D 150 1.61 -26.01 29.61
C PRO D 150 2.93 -26.67 29.14
N MET D 151 2.84 -27.62 28.17
CA MET D 151 4.02 -28.29 27.59
C MET D 151 4.89 -27.34 26.77
N LEU D 152 4.26 -26.44 25.99
CA LEU D 152 4.96 -25.46 25.14
C LEU D 152 5.65 -24.40 25.97
N LYS D 153 5.11 -24.10 27.15
CA LYS D 153 5.69 -23.13 28.11
C LYS D 153 6.98 -23.72 28.72
N GLN D 154 6.97 -25.03 29.01
CA GLN D 154 8.10 -25.76 29.57
C GLN D 154 9.27 -25.80 28.57
N SER D 155 8.95 -26.03 27.29
CA SER D 155 9.94 -26.14 26.21
C SER D 155 10.23 -24.82 25.51
N ASN D 156 9.50 -23.72 25.85
CA ASN D 156 9.60 -22.42 25.16
C ASN D 156 9.35 -22.68 23.64
N GLY D 157 8.31 -23.49 23.39
CA GLY D 157 7.89 -23.98 22.08
C GLY D 157 7.22 -23.03 21.11
N SER D 158 6.60 -23.63 20.07
CA SER D 158 5.96 -22.92 18.96
C SER D 158 4.59 -23.45 18.57
N ILE D 159 3.70 -22.50 18.20
CA ILE D 159 2.39 -22.82 17.63
C ILE D 159 2.46 -22.38 16.18
N VAL D 160 2.14 -23.30 15.26
CA VAL D 160 2.09 -23.05 13.81
C VAL D 160 0.64 -23.22 13.35
N VAL D 161 0.06 -22.14 12.82
CA VAL D 161 -1.33 -22.05 12.38
C VAL D 161 -1.39 -21.95 10.87
N VAL D 162 -1.94 -22.98 10.24
CA VAL D 162 -2.07 -22.99 8.79
C VAL D 162 -3.34 -22.24 8.38
N SER D 163 -3.15 -21.09 7.75
CA SER D 163 -4.22 -20.25 7.27
C SER D 163 -4.14 -20.17 5.73
N SER D 164 -4.65 -19.10 5.13
CA SER D 164 -4.78 -18.95 3.69
C SER D 164 -4.78 -17.48 3.33
N LEU D 165 -4.70 -17.18 2.00
CA LEU D 165 -4.85 -15.84 1.42
C LEU D 165 -6.29 -15.38 1.71
N ALA D 166 -7.22 -16.34 1.73
CA ALA D 166 -8.64 -16.21 2.06
C ALA D 166 -8.87 -15.90 3.56
N GLY D 167 -7.79 -15.90 4.35
CA GLY D 167 -7.76 -15.50 5.75
C GLY D 167 -7.11 -14.14 5.92
N LYS D 168 -6.83 -13.44 4.79
CA LYS D 168 -6.24 -12.09 4.76
C LYS D 168 -7.03 -11.15 3.85
N VAL D 169 -7.54 -11.69 2.72
CA VAL D 169 -8.33 -10.95 1.74
C VAL D 169 -9.63 -11.73 1.45
N ALA D 170 -10.63 -11.06 0.90
CA ALA D 170 -11.93 -11.65 0.60
C ALA D 170 -11.92 -12.34 -0.75
N TYR D 171 -12.59 -13.49 -0.79
CA TYR D 171 -12.74 -14.32 -1.98
C TYR D 171 -14.20 -14.75 -2.05
N PRO D 172 -14.84 -14.79 -3.23
CA PRO D 172 -16.21 -15.35 -3.30
C PRO D 172 -16.13 -16.88 -3.23
N MET D 173 -17.28 -17.56 -3.04
CA MET D 173 -17.44 -19.04 -3.01
C MET D 173 -16.82 -19.77 -1.79
N VAL D 174 -16.28 -19.01 -0.81
CA VAL D 174 -15.63 -19.52 0.41
C VAL D 174 -15.95 -18.70 1.67
N ALA D 175 -17.17 -18.15 1.78
CA ALA D 175 -17.59 -17.30 2.93
C ALA D 175 -17.38 -17.95 4.31
N ALA D 176 -17.86 -19.19 4.56
CA ALA D 176 -17.70 -19.92 5.83
C ALA D 176 -16.23 -20.22 6.13
N TYR D 177 -15.52 -20.72 5.11
CA TYR D 177 -14.09 -21.06 5.18
C TYR D 177 -13.23 -19.82 5.51
N SER D 178 -13.46 -18.73 4.77
CA SER D 178 -12.80 -17.45 4.92
C SER D 178 -13.06 -16.88 6.32
N ALA D 179 -14.31 -16.97 6.81
CA ALA D 179 -14.67 -16.51 8.15
C ALA D 179 -13.82 -17.21 9.21
N SER D 180 -13.68 -18.55 9.09
CA SER D 180 -12.89 -19.37 10.03
C SER D 180 -11.40 -19.05 9.98
N LYS D 181 -10.86 -18.65 8.80
CA LYS D 181 -9.43 -18.31 8.62
C LYS D 181 -9.13 -16.93 9.10
N PHE D 182 -10.07 -15.97 8.90
CA PHE D 182 -9.96 -14.61 9.45
C PHE D 182 -10.01 -14.71 11.00
N ALA D 183 -10.92 -15.54 11.57
CA ALA D 183 -11.04 -15.78 13.03
C ALA D 183 -9.71 -16.26 13.62
N LEU D 184 -8.98 -17.16 12.91
CA LEU D 184 -7.65 -17.62 13.33
C LEU D 184 -6.68 -16.46 13.52
N ASP D 185 -6.68 -15.50 12.57
CA ASP D 185 -5.85 -14.31 12.62
C ASP D 185 -6.22 -13.45 13.84
N GLY D 186 -7.52 -13.15 14.01
CA GLY D 186 -7.99 -12.38 15.16
C GLY D 186 -7.58 -13.00 16.49
N PHE D 187 -7.83 -14.30 16.66
CA PHE D 187 -7.53 -15.02 17.90
C PHE D 187 -6.04 -15.11 18.20
N PHE D 188 -5.29 -15.75 17.30
CA PHE D 188 -3.86 -16.01 17.50
C PHE D 188 -2.97 -14.76 17.48
N SER D 189 -3.38 -13.70 16.78
CA SER D 189 -2.62 -12.44 16.77
C SER D 189 -2.84 -11.68 18.08
N SER D 190 -4.02 -11.87 18.70
CA SER D 190 -4.37 -11.28 19.99
C SER D 190 -3.60 -11.95 21.14
N ILE D 191 -3.60 -13.30 21.20
CA ILE D 191 -2.87 -14.05 22.24
C ILE D 191 -1.36 -13.88 22.06
N ARG D 192 -0.86 -13.64 20.82
CA ARG D 192 0.57 -13.37 20.59
C ARG D 192 0.99 -12.12 21.36
N LYS D 193 0.13 -11.07 21.32
CA LYS D 193 0.33 -9.83 22.06
C LYS D 193 0.23 -10.03 23.57
N GLU D 194 -0.64 -10.93 24.01
CA GLU D 194 -0.78 -11.28 25.44
C GLU D 194 0.47 -12.03 25.93
N TYR D 195 0.99 -12.98 25.13
CA TYR D 195 2.19 -13.77 25.45
C TYR D 195 3.41 -12.87 25.56
N SER D 196 3.47 -11.82 24.72
CA SER D 196 4.55 -10.85 24.73
C SER D 196 4.64 -10.11 26.08
N VAL D 197 3.49 -9.62 26.60
CA VAL D 197 3.44 -8.86 27.85
C VAL D 197 3.47 -9.74 29.09
N SER D 198 3.01 -11.02 28.99
CA SER D 198 2.98 -11.99 30.08
C SER D 198 4.28 -12.79 30.13
N ARG D 199 5.20 -12.48 29.20
CA ARG D 199 6.49 -13.13 29.02
C ARG D 199 6.34 -14.67 28.94
N VAL D 200 5.42 -15.12 28.06
CA VAL D 200 5.18 -16.52 27.73
C VAL D 200 6.03 -16.71 26.47
N ASN D 201 7.09 -17.52 26.55
CA ASN D 201 7.99 -17.69 25.41
C ASN D 201 7.53 -18.78 24.44
N VAL D 202 6.29 -18.64 23.95
CA VAL D 202 5.67 -19.52 22.96
C VAL D 202 5.41 -18.64 21.74
N SER D 203 6.09 -18.95 20.62
CA SER D 203 5.92 -18.20 19.37
C SER D 203 4.66 -18.66 18.63
N ILE D 204 4.09 -17.77 17.82
CA ILE D 204 2.89 -18.05 17.04
C ILE D 204 3.13 -17.68 15.59
N THR D 205 3.12 -18.69 14.69
CA THR D 205 3.30 -18.50 13.25
C THR D 205 2.00 -18.71 12.49
N LEU D 206 1.49 -17.66 11.81
CA LEU D 206 0.31 -17.74 10.97
C LEU D 206 0.83 -17.86 9.53
N CYS D 207 0.49 -18.96 8.88
CA CYS D 207 0.91 -19.26 7.52
C CYS D 207 -0.21 -18.93 6.54
N VAL D 208 0.04 -17.96 5.67
CA VAL D 208 -0.88 -17.45 4.67
C VAL D 208 -0.50 -18.09 3.34
N LEU D 209 -1.29 -19.08 2.91
CA LEU D 209 -1.02 -19.82 1.68
C LEU D 209 -1.98 -19.54 0.54
N GLY D 210 -1.42 -19.56 -0.67
CA GLY D 210 -2.17 -19.47 -1.91
C GLY D 210 -2.53 -20.88 -2.35
N LEU D 211 -2.98 -21.08 -3.61
CA LEU D 211 -3.32 -22.41 -4.11
C LEU D 211 -2.12 -23.40 -4.09
N ILE D 212 -2.33 -24.58 -3.50
CA ILE D 212 -1.33 -25.64 -3.36
C ILE D 212 -1.85 -26.85 -4.12
N ASP D 213 -0.95 -27.59 -4.81
CA ASP D 213 -1.29 -28.73 -5.66
C ASP D 213 -1.69 -30.02 -4.88
N THR D 214 -2.54 -29.90 -3.84
CA THR D 214 -3.02 -31.08 -3.12
C THR D 214 -4.19 -31.67 -3.92
N GLU D 215 -4.38 -33.00 -3.84
CA GLU D 215 -5.47 -33.69 -4.54
C GLU D 215 -6.83 -33.01 -4.29
N THR D 216 -7.10 -32.65 -3.02
CA THR D 216 -8.35 -32.01 -2.59
C THR D 216 -8.53 -30.65 -3.27
N ALA D 217 -7.48 -29.80 -3.24
CA ALA D 217 -7.54 -28.47 -3.86
C ALA D 217 -7.69 -28.53 -5.36
N MET D 218 -6.99 -29.46 -6.03
CA MET D 218 -7.06 -29.60 -7.49
C MET D 218 -8.42 -30.07 -7.93
N LYS D 219 -9.02 -31.01 -7.20
CA LYS D 219 -10.37 -31.49 -7.49
C LYS D 219 -11.41 -30.39 -7.25
N ALA D 220 -11.27 -29.64 -6.14
CA ALA D 220 -12.20 -28.59 -5.74
C ALA D 220 -12.30 -27.41 -6.72
N VAL D 221 -11.17 -26.93 -7.26
CA VAL D 221 -11.07 -25.78 -8.18
C VAL D 221 -11.41 -26.15 -9.63
N SER D 222 -11.27 -27.44 -9.97
CA SER D 222 -11.46 -28.00 -11.32
C SER D 222 -12.74 -27.53 -12.00
N GLY D 223 -12.59 -26.78 -13.10
CA GLY D 223 -13.70 -26.27 -13.90
C GLY D 223 -14.54 -25.16 -13.30
N ILE D 224 -14.12 -24.61 -12.15
CA ILE D 224 -14.85 -23.52 -11.46
C ILE D 224 -13.99 -22.25 -11.50
N VAL D 225 -12.80 -22.36 -10.93
CA VAL D 225 -11.82 -21.30 -10.83
C VAL D 225 -10.56 -21.90 -11.44
N HIS D 226 -9.81 -21.10 -12.21
CA HIS D 226 -8.59 -21.65 -12.78
C HIS D 226 -7.43 -20.70 -12.53
N MET D 227 -6.45 -21.23 -11.79
CA MET D 227 -5.25 -20.53 -11.34
C MET D 227 -4.04 -21.49 -11.26
N GLN D 228 -2.85 -20.93 -11.04
CA GLN D 228 -1.59 -21.65 -10.87
C GLN D 228 -1.53 -22.19 -9.40
N ALA D 229 -1.15 -23.47 -9.23
CA ALA D 229 -1.00 -24.14 -7.96
C ALA D 229 0.47 -24.31 -7.63
N ALA D 230 0.86 -24.01 -6.38
CA ALA D 230 2.23 -24.13 -5.89
C ALA D 230 2.51 -25.56 -5.37
N PRO D 231 3.78 -26.06 -5.37
CA PRO D 231 4.02 -27.45 -4.90
C PRO D 231 3.90 -27.64 -3.37
N LYS D 232 3.16 -28.69 -2.98
CA LYS D 232 2.87 -29.08 -1.60
C LYS D 232 4.11 -29.39 -0.75
N GLU D 233 5.18 -29.91 -1.40
CA GLU D 233 6.44 -30.29 -0.76
C GLU D 233 7.13 -29.05 -0.20
N GLU D 234 7.36 -28.04 -1.07
CA GLU D 234 8.01 -26.78 -0.76
C GLU D 234 7.17 -25.98 0.23
N CYS D 235 5.84 -26.02 0.07
CA CYS D 235 4.88 -25.35 0.95
C CYS D 235 5.08 -25.82 2.39
N ALA D 236 5.02 -27.15 2.58
CA ALA D 236 5.18 -27.85 3.85
C ALA D 236 6.48 -27.45 4.56
N LEU D 237 7.59 -27.32 3.79
CA LEU D 237 8.91 -26.94 4.30
C LEU D 237 8.92 -25.48 4.75
N GLU D 238 8.37 -24.58 3.93
CA GLU D 238 8.29 -23.15 4.24
C GLU D 238 7.51 -22.90 5.53
N ILE D 239 6.49 -23.74 5.80
CA ILE D 239 5.66 -23.70 7.02
C ILE D 239 6.52 -24.04 8.23
N ILE D 240 7.28 -25.17 8.15
CA ILE D 240 8.20 -25.63 9.19
C ILE D 240 9.32 -24.60 9.43
N LYS D 241 9.86 -24.01 8.35
CA LYS D 241 10.91 -23.00 8.41
C LYS D 241 10.51 -21.80 9.26
N GLY D 242 9.33 -21.23 8.99
CA GLY D 242 8.78 -20.09 9.72
C GLY D 242 8.55 -20.38 11.18
N GLY D 243 8.05 -21.60 11.45
CA GLY D 243 7.83 -22.12 12.80
C GLY D 243 9.12 -22.16 13.60
N ALA D 244 10.14 -22.85 13.03
CA ALA D 244 11.48 -22.99 13.62
C ALA D 244 12.16 -21.63 13.83
N LEU D 245 12.03 -20.72 12.84
CA LEU D 245 12.59 -19.35 12.91
C LEU D 245 11.78 -18.41 13.78
N ARG D 246 10.62 -18.90 14.29
CA ARG D 246 9.69 -18.17 15.18
C ARG D 246 9.14 -16.88 14.55
N GLN D 247 8.90 -16.92 13.22
CA GLN D 247 8.35 -15.78 12.47
C GLN D 247 6.85 -15.68 12.83
N GLU D 248 6.34 -14.46 12.91
CA GLU D 248 4.95 -14.18 13.22
C GLU D 248 4.04 -14.65 12.09
N GLU D 249 4.47 -14.41 10.84
CA GLU D 249 3.73 -14.75 9.63
C GLU D 249 4.63 -15.29 8.52
N VAL D 250 4.12 -16.28 7.78
CA VAL D 250 4.76 -16.92 6.64
C VAL D 250 3.79 -16.77 5.46
N TYR D 251 4.30 -16.32 4.33
CA TYR D 251 3.51 -16.15 3.10
C TYR D 251 4.05 -17.06 2.01
N TYR D 252 3.18 -17.83 1.37
CA TYR D 252 3.58 -18.75 0.32
C TYR D 252 2.53 -18.84 -0.78
N ASP D 253 2.88 -18.37 -1.99
CA ASP D 253 2.01 -18.37 -3.18
C ASP D 253 2.84 -18.36 -4.48
N SER D 254 2.23 -18.82 -5.59
CA SER D 254 2.83 -18.86 -6.93
C SER D 254 3.06 -17.45 -7.50
N SER D 255 2.13 -16.51 -7.24
CA SER D 255 2.21 -15.13 -7.77
C SER D 255 3.21 -14.25 -7.07
N ARG D 256 4.04 -13.56 -7.88
CA ARG D 256 5.04 -12.60 -7.44
C ARG D 256 4.34 -11.37 -6.87
N TRP D 257 3.20 -11.01 -7.46
CA TRP D 257 2.37 -9.86 -7.10
C TRP D 257 1.75 -10.02 -5.72
N THR D 258 1.36 -11.26 -5.36
CA THR D 258 0.80 -11.63 -4.05
C THR D 258 1.80 -11.37 -2.95
N THR D 259 3.03 -11.91 -3.09
CA THR D 259 4.13 -11.75 -2.12
C THR D 259 4.43 -10.27 -1.85
N LEU D 260 4.35 -9.45 -2.91
CA LEU D 260 4.57 -8.01 -2.83
C LEU D 260 3.48 -7.22 -2.14
N LEU D 261 2.21 -7.62 -2.31
CA LEU D 261 1.07 -6.87 -1.76
C LEU D 261 0.41 -7.43 -0.49
N ILE D 262 0.64 -8.72 -0.17
CA ILE D 262 0.01 -9.42 0.96
C ILE D 262 0.32 -8.78 2.32
N ARG D 263 1.58 -8.35 2.54
CA ARG D 263 1.99 -7.75 3.80
C ARG D 263 1.23 -6.44 4.09
N ASN D 264 0.89 -6.23 5.37
CA ASN D 264 0.14 -5.05 5.79
C ASN D 264 0.98 -4.22 6.76
N PRO D 265 1.83 -3.31 6.22
CA PRO D 265 2.69 -2.49 7.08
C PRO D 265 1.90 -1.56 8.02
N CYS D 266 0.77 -1.03 7.53
CA CYS D 266 -0.08 -0.10 8.26
C CYS D 266 -0.70 -0.75 9.50
N ARG D 267 -0.95 -2.08 9.44
CA ARG D 267 -1.50 -2.87 10.55
C ARG D 267 -0.41 -2.96 11.63
N LYS D 268 0.84 -3.24 11.22
CA LYS D 268 2.02 -3.32 12.09
C LYS D 268 2.26 -1.99 12.78
N ILE D 269 2.10 -0.85 12.06
CA ILE D 269 2.23 0.51 12.59
C ILE D 269 1.11 0.84 13.60
N LEU D 270 -0.18 0.60 13.25
CA LEU D 270 -1.33 0.82 14.13
C LEU D 270 -1.22 0.04 15.43
N GLU D 271 -0.77 -1.24 15.37
CA GLU D 271 -0.61 -2.09 16.55
C GLU D 271 0.50 -1.55 17.46
N GLU D 272 1.57 -0.93 16.89
CA GLU D 272 2.66 -0.30 17.64
C GLU D 272 2.15 0.96 18.34
N LEU D 273 1.26 1.70 17.65
CA LEU D 273 0.62 2.92 18.15
C LEU D 273 -0.32 2.60 19.31
N TYR D 274 -0.91 1.37 19.30
CA TYR D 274 -1.81 0.88 20.35
C TYR D 274 -1.04 0.08 21.43
N SER D 275 0.24 -0.31 21.13
CA SER D 275 1.15 -1.07 22.02
C SER D 275 1.58 -0.23 23.25
N THR D 276 0.74 0.77 23.60
CA THR D 276 0.94 1.69 24.70
C THR D 276 -0.34 1.78 25.56
N SER D 277 -0.53 0.81 26.48
CA SER D 277 -1.69 0.74 27.37
C SER D 277 -1.36 0.07 28.74
N TYR D 278 -2.01 -1.09 29.06
CA TYR D 278 -1.85 -1.93 30.26
C TYR D 278 -2.35 -1.26 31.54
#